data_4CI0
#
_entry.id   4CI0
#
_cell.length_a   1.000
_cell.length_b   1.000
_cell.length_c   1.000
_cell.angle_alpha   90.00
_cell.angle_beta   90.00
_cell.angle_gamma   90.00
#
_symmetry.space_group_name_H-M   'P 1'
#
loop_
_entity.id
_entity.type
_entity.pdbx_description
1 polymer 'F420-REDUCING HYDROGENASE, SUBUNIT ALPHA'
2 polymer 'F420-REDUCING HYDROGENASE, SUBUNIT GAMMA'
3 polymer 'F420-REDUCING HYDROGENASE, SUBUNIT BETA'
4 non-polymer 'FE (III) ION'
5 non-polymer 'NICKEL (II) ION'
6 non-polymer 'FE (II) ION'
7 non-polymer 'IRON/SULFUR CLUSTER'
8 non-polymer 'ZINC ION'
9 non-polymer 'FLAVIN-ADENINE DINUCLEOTIDE'
#
loop_
_entity_poly.entity_id
_entity_poly.type
_entity_poly.pdbx_seq_one_letter_code
_entity_poly.pdbx_strand_id
1 'polypeptide(L)'
;MSERIVISPTSRQEGHAELVMEVDDEGIVTKGRYFSITPVRGLEKMVTGKAPETAPVMVQRICGVCPIPHTLASVEAIDD
SLDIEVPKAGRLLRELTLAAHHVNSHAIHHFLIAPDFVPENLMADAINSVSEIRKNAQYVVDMVAGEGIHPSDVRIGGMA
DNITELARKRLYARLKQLKPKVNEHVELMIGLIEDKGLPEGLGVHNQPTLASHQIYGDRTKFDLDRFTEIMPESWYDDPE
IAKRACSTIPLYDGRNVEVGPRARMVEFQGFKERGVVAQHVARALEMKTALSRAIEILDELDTSAPVRADFDERGTGKLG
IGAIEAPRGLDVHMAKVENGKIQFYSALVPTTWNIPTMGPATEGFHHEYGPHVIRAYDPCLSCATH
;
A
2 'polypeptide(L)'
;MSLIARIKRFLGLEAEAKREEPEKEKSEPVGASKEEVEKVAEENAKPRIGYIHLSGCTGDAMSLTENYDILAELLTNMVD
IVYGQTLVDLWEMPEMDLALVEGSVCLQDEHSLHELKELREKAKLVCAFGSCAATGCFTRYSRGGQQAQPSHESFVPIAD
LIDVDLALPGCPPSPEIIAKTVVALLNNDMDYLQPMLDLAGYTEACGCDLQTKVVNQGLCIGCGTCAMACQTRALDMTNG
RPELNSDRCIKCGICYVQCPRSWWPEEQIKKELGL
;
B
3 'polypeptide(L)'
;MVLGTYKEIVSARSTDREIQKLAQDGGIVTGLLAYALDEGIIEGAVVAGPGEEFWKPQPMVAMSSDELKAAAGTKYTFSP
NVMMLKKAVRQYGIEKLGTVAIPCQTMGIRKMQTYPFGVRFLADKIKLLVGIYCMENFPYTSLQTFICEKLGVSMELVEK
MDIGKGKFWVYTQDDVLTLPLKETHGYEQAGCKICKDYVAELADVSTGSVGSPDGWSTVITRTDAGDSIFKQAVEAGLFE
TKPIEEVKPGLGLLEKLAAQKKEKAEKNIAARKEMGLPTPF
;
C
#
# COMPACT_ATOMS: atom_id res chain seq x y z
N SER A 2 -23.55 -9.93 -43.46
CA SER A 2 -24.50 -9.43 -42.48
C SER A 2 -24.08 -8.06 -41.96
N GLU A 3 -24.39 -7.81 -40.68
CA GLU A 3 -23.91 -6.64 -39.96
C GLU A 3 -23.22 -7.05 -38.67
N ARG A 4 -22.00 -6.55 -38.47
CA ARG A 4 -21.24 -6.82 -37.26
C ARG A 4 -20.97 -5.56 -36.48
N ILE A 5 -21.32 -5.62 -35.20
CA ILE A 5 -21.34 -4.52 -34.28
C ILE A 5 -20.19 -4.73 -33.34
N VAL A 6 -19.37 -3.71 -33.17
CA VAL A 6 -18.21 -3.82 -32.33
C VAL A 6 -18.39 -2.96 -31.10
N ILE A 7 -18.27 -3.55 -29.92
CA ILE A 7 -18.34 -2.77 -28.70
C ILE A 7 -16.93 -2.64 -28.20
N SER A 8 -16.43 -1.42 -28.09
CA SER A 8 -15.09 -1.22 -27.58
C SER A 8 -14.93 0.08 -26.79
N PRO A 9 -14.15 0.09 -25.61
CA PRO A 9 -13.99 -1.22 -24.96
C PRO A 9 -15.27 -1.58 -24.25
N THR A 10 -15.53 -2.86 -24.00
CA THR A 10 -16.73 -3.23 -23.28
C THR A 10 -16.68 -2.65 -21.87
N SER A 11 -17.79 -2.09 -21.42
CA SER A 11 -17.84 -1.38 -20.16
C SER A 11 -17.91 -2.24 -18.90
N ARG A 12 -17.41 -1.69 -17.81
CA ARG A 12 -17.57 -2.26 -16.48
C ARG A 12 -16.66 -3.42 -16.10
N GLN A 13 -15.63 -3.65 -16.91
CA GLN A 13 -14.66 -4.71 -16.65
C GLN A 13 -13.27 -4.12 -16.69
N GLU A 14 -12.38 -4.63 -15.84
CA GLU A 14 -11.02 -4.09 -15.77
C GLU A 14 -10.33 -4.27 -17.10
N GLY A 15 -9.59 -3.26 -17.53
CA GLY A 15 -8.92 -3.28 -18.81
C GLY A 15 -9.87 -3.00 -19.96
N HIS A 16 -9.43 -3.31 -21.17
CA HIS A 16 -10.21 -3.10 -22.38
C HIS A 16 -10.25 -4.33 -23.25
N ALA A 17 -11.43 -4.73 -23.66
CA ALA A 17 -11.59 -5.83 -24.60
C ALA A 17 -12.60 -5.34 -25.59
N GLU A 18 -12.45 -5.75 -26.84
CA GLU A 18 -13.43 -5.34 -27.83
C GLU A 18 -14.18 -6.56 -28.25
N LEU A 19 -15.49 -6.52 -28.12
CA LEU A 19 -16.30 -7.64 -28.58
C LEU A 19 -16.89 -7.37 -29.95
N VAL A 20 -16.69 -8.30 -30.88
CA VAL A 20 -17.13 -8.12 -32.26
C VAL A 20 -18.22 -9.13 -32.58
N MET A 21 -19.34 -8.69 -33.13
CA MET A 21 -20.49 -9.56 -33.31
C MET A 21 -21.07 -9.66 -34.72
N GLU A 22 -21.44 -10.86 -35.13
CA GLU A 22 -22.01 -11.02 -36.44
C GLU A 22 -23.43 -11.45 -36.28
N VAL A 23 -24.33 -10.68 -36.87
CA VAL A 23 -25.73 -10.82 -36.56
C VAL A 23 -26.59 -11.01 -37.78
N ASP A 24 -27.63 -11.82 -37.60
CA ASP A 24 -28.69 -11.98 -38.56
C ASP A 24 -29.66 -10.81 -38.40
N ASP A 25 -30.62 -10.72 -39.31
CA ASP A 25 -31.49 -9.55 -39.38
C ASP A 25 -32.23 -9.37 -38.06
N GLU A 26 -32.65 -10.47 -37.46
CA GLU A 26 -33.34 -10.42 -36.17
C GLU A 26 -32.38 -9.84 -35.16
N GLY A 27 -31.08 -9.97 -35.44
CA GLY A 27 -30.06 -9.49 -34.54
C GLY A 27 -29.56 -10.56 -33.60
N ILE A 28 -30.05 -11.79 -33.76
CA ILE A 28 -29.46 -12.89 -33.05
C ILE A 28 -28.04 -13.04 -33.59
N VAL A 29 -27.07 -13.14 -32.69
CA VAL A 29 -25.66 -13.18 -33.05
C VAL A 29 -25.26 -14.56 -33.60
N THR A 30 -24.16 -14.63 -34.34
CA THR A 30 -23.83 -15.88 -35.01
C THR A 30 -22.42 -16.32 -34.64
N LYS A 31 -21.50 -15.37 -34.73
CA LYS A 31 -20.16 -15.55 -34.22
C LYS A 31 -19.92 -14.44 -33.24
N GLY A 32 -19.46 -14.78 -32.04
CA GLY A 32 -19.10 -13.76 -31.07
C GLY A 32 -17.61 -13.83 -30.86
N ARG A 33 -16.93 -12.71 -31.06
CA ARG A 33 -15.49 -12.69 -30.88
C ARG A 33 -15.13 -11.74 -29.75
N TYR A 34 -14.39 -12.24 -28.79
CA TYR A 34 -13.92 -11.41 -27.71
C TYR A 34 -12.41 -11.45 -27.69
N PHE A 35 -11.80 -10.29 -27.69
CA PHE A 35 -10.34 -10.21 -27.65
C PHE A 35 -9.94 -9.04 -26.78
N SER A 36 -8.73 -9.07 -26.24
CA SER A 36 -8.35 -8.00 -25.35
C SER A 36 -7.41 -7.11 -26.09
N ILE A 37 -7.75 -5.84 -26.22
CA ILE A 37 -6.98 -4.89 -27.00
C ILE A 37 -6.02 -4.08 -26.16
N THR A 38 -5.92 -4.39 -24.87
CA THR A 38 -5.02 -3.66 -24.01
C THR A 38 -3.61 -3.92 -24.46
N PRO A 39 -2.73 -2.93 -24.31
CA PRO A 39 -1.32 -3.09 -24.64
C PRO A 39 -0.72 -4.00 -23.60
N VAL A 40 0.21 -4.85 -23.97
CA VAL A 40 0.77 -5.79 -23.01
C VAL A 40 1.82 -5.09 -22.16
N ARG A 41 1.66 -5.10 -20.85
CA ARG A 41 2.66 -4.50 -19.98
C ARG A 41 3.89 -5.36 -19.97
N GLY A 42 3.77 -6.57 -20.49
CA GLY A 42 4.89 -7.48 -20.60
C GLY A 42 5.61 -7.91 -19.34
N LEU A 43 4.87 -8.29 -18.31
CA LEU A 43 5.50 -8.82 -17.12
C LEU A 43 6.23 -10.14 -17.35
N GLU A 44 5.67 -11.10 -18.11
CA GLU A 44 6.23 -12.44 -18.16
C GLU A 44 7.68 -12.32 -18.61
N LYS A 45 7.89 -11.42 -19.62
CA LYS A 45 9.24 -11.19 -20.13
C LYS A 45 10.15 -10.40 -19.19
N MET A 46 9.60 -9.36 -18.59
CA MET A 46 10.40 -8.45 -17.77
C MET A 46 10.99 -9.15 -16.57
N VAL A 47 10.25 -10.10 -16.03
CA VAL A 47 10.69 -10.90 -14.89
C VAL A 47 11.94 -11.74 -15.20
N THR A 48 12.04 -12.23 -16.43
CA THR A 48 13.11 -13.14 -16.83
C THR A 48 14.50 -12.51 -16.67
N GLY A 49 15.47 -13.33 -16.26
CA GLY A 49 16.84 -12.87 -16.10
C GLY A 49 17.00 -11.95 -14.90
N LYS A 50 15.90 -11.75 -14.19
CA LYS A 50 15.86 -10.96 -12.97
C LYS A 50 15.74 -11.90 -11.79
N ALA A 51 16.07 -11.42 -10.60
CA ALA A 51 16.18 -12.27 -9.43
C ALA A 51 14.87 -12.90 -9.03
N PRO A 52 14.92 -13.96 -8.25
CA PRO A 52 13.72 -14.57 -7.69
C PRO A 52 13.00 -13.63 -6.74
N GLU A 53 13.76 -12.88 -5.97
CA GLU A 53 13.18 -12.02 -4.94
C GLU A 53 12.25 -11.01 -5.58
N THR A 54 12.63 -10.52 -6.74
CA THR A 54 11.81 -9.61 -7.52
C THR A 54 10.51 -10.19 -8.02
N ALA A 55 10.52 -11.46 -8.39
CA ALA A 55 9.45 -11.95 -9.24
C ALA A 55 8.12 -11.76 -8.59
N PRO A 56 8.01 -12.08 -7.22
CA PRO A 56 6.66 -11.79 -6.68
C PRO A 56 6.27 -10.32 -6.75
N VAL A 57 7.15 -9.38 -6.48
CA VAL A 57 6.78 -7.97 -6.51
C VAL A 57 6.35 -7.41 -7.87
N MET A 58 7.10 -7.72 -8.93
CA MET A 58 6.77 -7.25 -10.26
C MET A 58 5.49 -7.86 -10.77
N VAL A 59 5.32 -9.14 -10.50
CA VAL A 59 4.22 -9.94 -10.99
C VAL A 59 2.87 -9.54 -10.48
N GLN A 60 2.77 -9.20 -9.20
CA GLN A 60 1.50 -8.85 -8.61
C GLN A 60 0.96 -7.57 -9.19
N ARG A 61 1.82 -6.74 -9.72
CA ARG A 61 1.39 -5.49 -10.33
C ARG A 61 0.70 -5.80 -11.64
N ILE A 62 0.73 -7.06 -12.05
CA ILE A 62 0.10 -7.49 -13.27
C ILE A 62 -1.34 -7.14 -13.10
N CYS A 63 -1.84 -7.27 -11.89
CA CYS A 63 -3.27 -7.07 -11.64
C CYS A 63 -3.46 -6.61 -10.19
N GLY A 64 -3.93 -5.39 -10.02
CA GLY A 64 -4.12 -4.83 -8.67
C GLY A 64 -5.43 -5.22 -8.01
N VAL A 65 -6.29 -5.92 -8.74
CA VAL A 65 -7.55 -6.44 -8.12
C VAL A 65 -7.32 -7.84 -7.50
N CYS A 66 -6.65 -8.68 -8.29
CA CYS A 66 -6.38 -10.06 -7.96
C CYS A 66 -4.90 -10.15 -7.77
N PRO A 67 -4.35 -9.17 -7.08
CA PRO A 67 -2.93 -9.13 -6.73
C PRO A 67 -2.51 -10.26 -5.79
N ILE A 68 -3.32 -10.56 -4.78
CA ILE A 68 -2.95 -11.59 -3.82
C ILE A 68 -2.85 -12.96 -4.48
N PRO A 69 -3.85 -13.26 -5.41
CA PRO A 69 -3.66 -14.57 -6.06
C PRO A 69 -2.37 -14.58 -6.87
N HIS A 70 -2.08 -13.50 -7.57
CA HIS A 70 -0.88 -13.46 -8.41
C HIS A 70 0.37 -13.61 -7.57
N THR A 71 0.43 -12.91 -6.46
CA THR A 71 1.62 -12.97 -5.62
C THR A 71 1.77 -14.39 -5.14
N LEU A 72 0.68 -14.99 -4.70
CA LEU A 72 0.71 -16.34 -4.16
C LEU A 72 1.16 -17.31 -5.18
N ALA A 73 0.71 -17.15 -6.39
CA ALA A 73 1.05 -18.09 -7.44
C ALA A 73 2.51 -17.96 -7.73
N SER A 74 2.99 -16.72 -7.82
CA SER A 74 4.37 -16.52 -8.19
C SER A 74 5.27 -17.13 -7.14
N VAL A 75 4.96 -16.88 -5.88
CA VAL A 75 5.83 -17.39 -4.82
C VAL A 75 5.83 -18.90 -4.82
N GLU A 76 4.66 -19.48 -5.03
CA GLU A 76 4.50 -20.92 -5.05
C GLU A 76 5.27 -21.56 -6.18
N ALA A 77 5.25 -20.90 -7.32
CA ALA A 77 5.94 -21.39 -8.51
C ALA A 77 7.43 -21.32 -8.26
N ILE A 78 7.85 -20.26 -7.60
CA ILE A 78 9.26 -20.01 -7.38
C ILE A 78 9.75 -20.87 -6.24
N ASP A 79 8.98 -20.93 -5.18
CA ASP A 79 9.39 -21.71 -4.05
C ASP A 79 9.47 -23.15 -4.50
N ASP A 80 8.52 -23.57 -5.32
CA ASP A 80 8.52 -24.93 -5.83
C ASP A 80 9.75 -25.21 -6.69
N SER A 81 10.12 -24.29 -7.57
CA SER A 81 11.33 -24.48 -8.36
C SER A 81 12.55 -24.52 -7.47
N LEU A 82 12.58 -23.62 -6.50
CA LEU A 82 13.61 -23.61 -5.46
C LEU A 82 13.51 -24.80 -4.52
N ASP A 83 12.29 -25.22 -4.22
CA ASP A 83 12.02 -26.26 -3.22
C ASP A 83 11.96 -25.86 -1.74
N ILE A 84 11.72 -24.60 -1.43
CA ILE A 84 11.50 -24.16 -0.04
C ILE A 84 10.21 -24.75 0.49
N GLU A 85 10.12 -24.99 1.80
CA GLU A 85 8.90 -25.50 2.38
C GLU A 85 8.40 -24.51 3.39
N VAL A 86 7.23 -23.95 3.14
CA VAL A 86 6.66 -23.02 4.08
C VAL A 86 6.30 -23.83 5.30
N PRO A 87 6.56 -23.33 6.49
CA PRO A 87 6.11 -23.99 7.72
C PRO A 87 4.60 -23.87 7.77
N LYS A 88 3.92 -24.69 8.54
CA LYS A 88 2.45 -24.71 8.45
C LYS A 88 1.83 -23.36 8.79
N ALA A 89 2.36 -22.64 9.76
CA ALA A 89 1.81 -21.32 10.06
C ALA A 89 1.99 -20.43 8.87
N GLY A 90 3.14 -20.54 8.23
CA GLY A 90 3.42 -19.74 7.05
C GLY A 90 2.46 -20.09 5.95
N ARG A 91 2.21 -21.38 5.77
CA ARG A 91 1.27 -21.83 4.77
C ARG A 91 -0.14 -21.38 5.08
N LEU A 92 -0.51 -21.43 6.35
CA LEU A 92 -1.83 -21.02 6.80
C LEU A 92 -2.08 -19.55 6.61
N LEU A 93 -1.06 -18.74 6.80
CA LEU A 93 -1.22 -17.32 6.56
C LEU A 93 -1.54 -17.07 5.10
N ARG A 94 -0.91 -17.78 4.19
CA ARG A 94 -1.17 -17.58 2.77
C ARG A 94 -2.59 -17.90 2.41
N GLU A 95 -3.11 -19.00 2.92
CA GLU A 95 -4.47 -19.41 2.69
C GLU A 95 -5.48 -18.46 3.27
N LEU A 96 -5.17 -17.93 4.43
CA LEU A 96 -6.01 -16.96 5.11
C LEU A 96 -6.12 -15.67 4.33
N THR A 97 -5.04 -15.29 3.68
CA THR A 97 -5.01 -14.07 2.88
C THR A 97 -5.77 -14.33 1.60
N LEU A 98 -5.60 -15.49 1.01
CA LEU A 98 -6.28 -15.77 -0.24
C LEU A 98 -7.77 -15.76 -0.04
N ALA A 99 -8.23 -16.30 1.08
CA ALA A 99 -9.65 -16.32 1.37
C ALA A 99 -10.20 -14.91 1.52
N ALA A 100 -9.47 -14.07 2.24
CA ALA A 100 -9.94 -12.71 2.42
C ALA A 100 -10.01 -12.07 1.07
N HIS A 101 -9.03 -12.35 0.24
CA HIS A 101 -9.04 -11.79 -1.09
C HIS A 101 -10.18 -12.24 -1.95
N HIS A 102 -10.56 -13.50 -1.91
CA HIS A 102 -11.67 -13.96 -2.72
C HIS A 102 -12.86 -13.17 -2.28
N VAL A 103 -13.03 -13.05 -0.97
CA VAL A 103 -14.24 -12.41 -0.50
C VAL A 103 -14.25 -11.00 -1.06
N ASN A 104 -13.13 -10.30 -0.90
CA ASN A 104 -13.10 -8.92 -1.29
C ASN A 104 -13.32 -8.76 -2.78
N SER A 105 -12.64 -9.58 -3.56
CA SER A 105 -12.61 -9.41 -4.97
C SER A 105 -13.97 -9.60 -5.50
N HIS A 106 -14.70 -10.55 -4.94
CA HIS A 106 -16.03 -10.82 -5.45
C HIS A 106 -16.91 -9.62 -5.25
N ALA A 107 -16.73 -8.97 -4.11
CA ALA A 107 -17.53 -7.83 -3.70
C ALA A 107 -17.26 -6.72 -4.67
N ILE A 108 -16.01 -6.57 -5.06
CA ILE A 108 -15.69 -5.53 -6.02
C ILE A 108 -16.43 -5.79 -7.33
N HIS A 109 -16.56 -7.04 -7.71
CA HIS A 109 -17.25 -7.38 -8.94
C HIS A 109 -18.70 -6.99 -8.90
N HIS A 110 -19.32 -7.17 -7.75
CA HIS A 110 -20.72 -6.83 -7.56
C HIS A 110 -20.94 -5.35 -7.70
N PHE A 111 -20.00 -4.56 -7.20
CA PHE A 111 -20.15 -3.14 -7.28
C PHE A 111 -20.20 -2.76 -8.75
N LEU A 112 -19.34 -3.37 -9.54
CA LEU A 112 -19.27 -3.08 -10.96
C LEU A 112 -20.49 -3.46 -11.78
N ILE A 113 -21.07 -4.62 -11.52
CA ILE A 113 -22.21 -5.08 -12.30
C ILE A 113 -23.54 -4.71 -11.67
N ALA A 114 -23.48 -4.02 -10.55
CA ALA A 114 -24.68 -3.73 -9.78
C ALA A 114 -25.64 -2.91 -10.60
N PRO A 115 -25.06 -1.94 -11.44
CA PRO A 115 -26.05 -1.06 -12.07
C PRO A 115 -27.06 -1.79 -12.96
N ASP A 116 -26.65 -2.78 -13.74
CA ASP A 116 -27.60 -3.51 -14.55
C ASP A 116 -28.59 -4.25 -13.65
N PHE A 117 -28.07 -4.92 -12.63
CA PHE A 117 -28.88 -5.70 -11.70
C PHE A 117 -29.83 -5.01 -10.72
N VAL A 118 -29.40 -3.90 -10.14
CA VAL A 118 -30.14 -3.29 -9.04
C VAL A 118 -30.83 -1.96 -9.38
N PRO A 119 -32.08 -1.83 -8.93
CA PRO A 119 -32.84 -0.60 -9.15
C PRO A 119 -32.13 0.54 -8.46
N GLU A 120 -32.27 1.74 -8.99
CA GLU A 120 -31.57 2.92 -8.46
C GLU A 120 -31.95 3.24 -7.02
N ASN A 121 -33.22 3.01 -6.68
CA ASN A 121 -33.66 3.32 -5.34
C ASN A 121 -32.89 2.51 -4.32
N LEU A 122 -32.74 1.23 -4.60
CA LEU A 122 -31.93 0.34 -3.78
C LEU A 122 -30.45 0.63 -3.82
N MET A 123 -29.97 1.02 -4.99
CA MET A 123 -28.60 0.86 -5.37
C MET A 123 -27.64 1.57 -4.43
N ALA A 124 -28.00 2.76 -3.98
CA ALA A 124 -27.12 3.47 -3.08
C ALA A 124 -26.94 2.64 -1.82
N ASP A 125 -28.04 2.05 -1.36
CA ASP A 125 -27.94 1.10 -0.25
C ASP A 125 -27.17 -0.17 -0.62
N ALA A 126 -27.39 -0.68 -1.81
CA ALA A 126 -26.71 -1.90 -2.21
C ALA A 126 -25.22 -1.69 -2.27
N ILE A 127 -24.82 -0.56 -2.85
CA ILE A 127 -23.42 -0.26 -3.03
C ILE A 127 -22.76 -0.14 -1.67
N ASN A 128 -23.49 0.45 -0.74
CA ASN A 128 -22.95 0.71 0.57
C ASN A 128 -22.59 -0.57 1.25
N SER A 129 -23.45 -1.57 1.12
CA SER A 129 -23.21 -2.86 1.75
C SER A 129 -21.97 -3.54 1.21
N VAL A 130 -21.79 -3.47 -0.10
CA VAL A 130 -20.65 -4.11 -0.71
C VAL A 130 -19.42 -3.45 -0.13
N SER A 131 -19.45 -2.14 0.01
CA SER A 131 -18.33 -1.44 0.58
C SER A 131 -18.14 -1.94 2.00
N GLU A 132 -19.23 -2.15 2.70
CA GLU A 132 -19.11 -2.63 4.07
C GLU A 132 -18.48 -4.01 4.10
N ILE A 133 -18.94 -4.92 3.26
CA ILE A 133 -18.33 -6.24 3.24
C ILE A 133 -16.91 -6.12 2.73
N ARG A 134 -16.72 -5.24 1.78
CA ARG A 134 -15.41 -5.07 1.16
C ARG A 134 -14.43 -4.56 2.18
N LYS A 135 -14.84 -3.61 2.99
CA LYS A 135 -13.95 -2.97 3.95
C LYS A 135 -13.40 -3.88 5.03
N ASN A 136 -14.23 -4.77 5.53
CA ASN A 136 -13.78 -5.74 6.53
C ASN A 136 -12.79 -6.74 5.99
N ALA A 137 -13.05 -7.22 4.77
CA ALA A 137 -12.21 -8.23 4.16
C ALA A 137 -10.82 -7.67 3.96
N GLN A 138 -10.74 -6.41 3.60
CA GLN A 138 -9.45 -5.81 3.35
C GLN A 138 -8.60 -5.86 4.60
N TYR A 139 -9.24 -5.76 5.75
CA TYR A 139 -8.52 -5.65 7.01
C TYR A 139 -7.67 -6.88 7.16
N VAL A 140 -8.26 -8.01 6.84
CA VAL A 140 -7.53 -9.28 6.87
C VAL A 140 -6.43 -9.36 5.84
N VAL A 141 -6.70 -8.95 4.62
CA VAL A 141 -5.69 -9.07 3.57
C VAL A 141 -4.50 -8.17 3.84
N ASP A 142 -4.76 -6.93 4.20
CA ASP A 142 -3.70 -6.01 4.56
C ASP A 142 -2.99 -6.38 5.85
N MET A 143 -3.75 -6.75 6.86
CA MET A 143 -3.16 -7.05 8.15
C MET A 143 -2.24 -8.25 8.11
N VAL A 144 -2.66 -9.34 7.47
CA VAL A 144 -1.80 -10.50 7.31
C VAL A 144 -0.61 -10.28 6.38
N ALA A 145 -0.88 -9.61 5.27
CA ALA A 145 0.02 -9.58 4.14
C ALA A 145 0.67 -8.25 3.86
N GLY A 146 0.66 -7.33 4.81
CA GLY A 146 1.21 -6.02 4.55
C GLY A 146 0.13 -5.31 3.78
N GLU A 147 0.38 -4.10 3.31
CA GLU A 147 -0.69 -3.34 2.69
C GLU A 147 -1.17 -4.15 1.52
N GLY A 148 -2.49 -4.22 1.38
CA GLY A 148 -3.13 -4.76 0.20
C GLY A 148 -4.26 -3.81 -0.12
N ILE A 149 -4.43 -3.43 -1.37
CA ILE A 149 -3.91 -4.11 -2.55
C ILE A 149 -2.41 -4.04 -2.74
N HIS A 150 -1.89 -4.91 -3.61
CA HIS A 150 -0.46 -5.02 -3.83
C HIS A 150 0.31 -5.30 -2.56
N PRO A 151 -0.12 -6.42 -1.84
CA PRO A 151 0.60 -6.61 -0.58
C PRO A 151 2.02 -7.01 -0.83
N SER A 152 2.95 -6.38 -0.13
CA SER A 152 4.36 -6.64 -0.31
C SER A 152 4.89 -7.69 0.66
N ASP A 153 4.07 -8.05 1.62
CA ASP A 153 4.48 -9.00 2.65
C ASP A 153 4.77 -10.45 2.26
N VAL A 154 3.99 -11.03 1.38
CA VAL A 154 4.23 -12.41 1.00
C VAL A 154 5.59 -12.53 0.31
N ARG A 155 6.36 -13.56 0.65
CA ARG A 155 7.71 -13.71 0.13
C ARG A 155 8.11 -15.15 -0.13
N ILE A 156 9.09 -15.36 -1.01
CA ILE A 156 9.55 -16.71 -1.28
C ILE A 156 9.78 -17.52 -0.01
N GLY A 157 9.13 -18.67 0.07
CA GLY A 157 9.39 -19.63 1.12
C GLY A 157 8.85 -19.26 2.48
N GLY A 158 7.95 -18.29 2.54
CA GLY A 158 7.36 -17.90 3.80
C GLY A 158 6.52 -16.64 3.73
N MET A 159 6.18 -16.11 4.90
CA MET A 159 5.53 -14.82 5.01
C MET A 159 6.51 -13.90 5.72
N ALA A 160 6.45 -12.61 5.44
CA ALA A 160 7.48 -11.71 5.94
C ALA A 160 7.50 -11.72 7.47
N ASP A 161 6.30 -11.70 8.05
CA ASP A 161 6.12 -11.74 9.50
C ASP A 161 4.76 -12.36 9.84
N ASN A 162 4.57 -12.77 11.09
CA ASN A 162 3.36 -13.45 11.51
C ASN A 162 2.55 -12.67 12.57
N ILE A 163 1.26 -12.59 12.34
CA ILE A 163 0.38 -11.73 13.11
C ILE A 163 0.41 -12.07 14.58
N THR A 164 0.42 -11.04 15.42
CA THR A 164 0.39 -11.22 16.85
C THR A 164 -0.97 -11.72 17.29
N GLU A 165 -1.03 -12.38 18.44
CA GLU A 165 -2.29 -12.90 18.92
C GLU A 165 -3.24 -11.74 19.08
N LEU A 166 -2.74 -10.60 19.51
CA LEU A 166 -3.60 -9.44 19.63
C LEU A 166 -4.19 -9.06 18.27
N ALA A 167 -3.38 -9.12 17.23
CA ALA A 167 -3.85 -8.88 15.89
C ALA A 167 -4.82 -9.94 15.41
N ARG A 168 -4.50 -11.20 15.69
CA ARG A 168 -5.31 -12.30 15.23
C ARG A 168 -6.70 -12.25 15.86
N LYS A 169 -6.74 -11.92 17.14
CA LYS A 169 -7.99 -11.72 17.85
C LYS A 169 -8.78 -10.56 17.31
N ARG A 170 -8.10 -9.47 17.02
CA ARG A 170 -8.74 -8.27 16.54
C ARG A 170 -9.39 -8.58 15.22
N LEU A 171 -8.71 -9.39 14.42
CA LEU A 171 -9.19 -9.80 13.11
C LEU A 171 -10.40 -10.69 13.22
N TYR A 172 -10.40 -11.57 14.21
CA TYR A 172 -11.39 -12.64 14.22
C TYR A 172 -12.79 -12.08 14.42
N ALA A 173 -12.90 -11.17 15.37
CA ALA A 173 -14.16 -10.64 15.72
C ALA A 173 -14.65 -9.99 14.45
N ARG A 174 -13.76 -9.31 13.75
CA ARG A 174 -14.17 -8.64 12.55
C ARG A 174 -14.68 -9.61 11.52
N LEU A 175 -13.98 -10.71 11.28
CA LEU A 175 -14.47 -11.70 10.35
C LEU A 175 -15.72 -12.41 10.83
N LYS A 176 -15.75 -12.82 12.08
CA LYS A 176 -16.89 -13.56 12.59
C LYS A 176 -18.15 -12.72 12.58
N GLN A 177 -18.02 -11.47 12.98
CA GLN A 177 -19.13 -10.51 12.97
C GLN A 177 -19.62 -10.21 11.57
N LEU A 178 -18.69 -10.20 10.62
CA LEU A 178 -18.99 -9.96 9.23
C LEU A 178 -19.84 -11.06 8.63
N LYS A 179 -19.81 -12.24 9.23
CA LYS A 179 -20.44 -13.39 8.60
C LYS A 179 -21.92 -13.18 8.38
N PRO A 180 -22.65 -12.53 9.39
CA PRO A 180 -24.08 -12.34 9.07
C PRO A 180 -24.32 -11.44 7.87
N LYS A 181 -23.59 -10.35 7.76
CA LYS A 181 -23.84 -9.43 6.65
C LYS A 181 -23.56 -10.06 5.33
N VAL A 182 -22.48 -10.80 5.23
CA VAL A 182 -22.13 -11.42 3.97
C VAL A 182 -23.21 -12.41 3.59
N ASN A 183 -23.76 -13.13 4.57
CA ASN A 183 -24.78 -14.11 4.25
C ASN A 183 -26.00 -13.47 3.67
N GLU A 184 -26.42 -12.38 4.27
CA GLU A 184 -27.55 -11.61 3.78
C GLU A 184 -27.25 -10.94 2.45
N HIS A 185 -26.03 -10.45 2.31
CA HIS A 185 -25.67 -9.68 1.14
C HIS A 185 -25.82 -10.52 -0.11
N VAL A 186 -25.38 -11.76 -0.02
CA VAL A 186 -25.48 -12.69 -1.13
C VAL A 186 -26.92 -12.97 -1.49
N GLU A 187 -27.77 -13.12 -0.48
CA GLU A 187 -29.18 -13.41 -0.74
C GLU A 187 -29.81 -12.27 -1.49
N LEU A 188 -29.51 -11.04 -1.11
CA LEU A 188 -30.03 -9.91 -1.83
C LEU A 188 -29.51 -9.92 -3.25
N MET A 189 -28.23 -10.21 -3.41
CA MET A 189 -27.62 -10.33 -4.72
C MET A 189 -28.23 -11.49 -5.49
N ILE A 190 -28.47 -12.60 -4.79
CA ILE A 190 -29.04 -13.78 -5.39
C ILE A 190 -30.47 -13.46 -5.75
N GLY A 191 -31.15 -12.73 -4.87
CA GLY A 191 -32.51 -12.34 -5.14
C GLY A 191 -32.63 -11.42 -6.34
N LEU A 192 -31.70 -10.48 -6.44
CA LEU A 192 -31.72 -9.53 -7.53
C LEU A 192 -31.49 -10.17 -8.88
N ILE A 193 -30.54 -11.10 -8.94
CA ILE A 193 -30.12 -11.64 -10.23
C ILE A 193 -31.23 -12.40 -10.95
N GLU A 194 -32.01 -13.15 -10.20
CA GLU A 194 -33.13 -13.87 -10.78
C GLU A 194 -34.19 -12.94 -11.35
N ASP A 195 -34.41 -11.82 -10.69
CA ASP A 195 -35.48 -10.90 -11.05
C ASP A 195 -35.26 -10.43 -12.46
N LYS A 196 -34.00 -10.23 -12.83
CA LYS A 196 -33.65 -9.73 -14.15
C LYS A 196 -34.16 -10.68 -15.21
N GLY A 197 -34.12 -11.98 -14.92
CA GLY A 197 -34.73 -12.94 -15.81
C GLY A 197 -34.20 -12.88 -17.22
N LEU A 198 -32.88 -12.85 -17.33
CA LEU A 198 -32.23 -12.85 -18.62
C LEU A 198 -32.67 -14.14 -19.27
N PRO A 199 -32.80 -14.12 -20.67
CA PRO A 199 -33.55 -15.28 -21.18
C PRO A 199 -32.85 -16.57 -20.85
N GLU A 200 -33.60 -17.55 -20.37
CA GLU A 200 -33.00 -18.76 -19.87
C GLU A 200 -32.30 -19.44 -21.01
N GLY A 201 -31.11 -19.96 -20.78
CA GLY A 201 -30.36 -20.53 -21.87
C GLY A 201 -29.35 -19.51 -22.36
N LEU A 202 -29.39 -18.32 -21.79
CA LEU A 202 -28.31 -17.36 -21.98
C LEU A 202 -26.96 -17.89 -21.55
N GLY A 203 -25.94 -17.61 -22.35
CA GLY A 203 -24.57 -17.87 -21.97
C GLY A 203 -24.29 -19.30 -21.59
N VAL A 204 -24.86 -20.25 -22.32
CA VAL A 204 -24.54 -21.65 -22.06
C VAL A 204 -23.51 -22.09 -23.08
N HIS A 205 -22.38 -22.58 -22.62
CA HIS A 205 -21.40 -23.09 -23.55
C HIS A 205 -21.03 -24.50 -23.17
N ASN A 206 -20.56 -25.27 -24.14
CA ASN A 206 -20.20 -26.67 -23.93
C ASN A 206 -18.77 -26.87 -23.47
N GLN A 207 -18.04 -25.77 -23.30
CA GLN A 207 -16.64 -25.79 -22.94
C GLN A 207 -16.37 -26.44 -21.59
N PRO A 208 -15.21 -27.23 -21.50
CA PRO A 208 -14.99 -27.80 -20.17
C PRO A 208 -14.54 -26.81 -19.12
N THR A 209 -15.06 -26.95 -17.90
CA THR A 209 -14.64 -26.14 -16.76
C THR A 209 -13.36 -26.68 -16.16
N LEU A 210 -12.63 -25.84 -15.44
CA LEU A 210 -11.42 -26.27 -14.77
C LEU A 210 -11.35 -25.80 -13.31
N ALA A 211 -11.12 -26.70 -12.36
CA ALA A 211 -10.86 -26.23 -11.02
C ALA A 211 -9.79 -27.10 -10.36
N SER A 212 -8.93 -26.48 -9.56
CA SER A 212 -7.96 -27.24 -8.79
C SER A 212 -8.43 -27.40 -7.35
N HIS A 213 -8.91 -26.30 -6.77
CA HIS A 213 -9.35 -26.26 -5.39
C HIS A 213 -10.34 -25.13 -5.21
N GLN A 214 -11.16 -25.25 -4.19
CA GLN A 214 -12.19 -24.26 -3.98
C GLN A 214 -11.59 -22.90 -3.66
N ILE A 215 -10.56 -22.88 -2.82
CA ILE A 215 -9.84 -21.65 -2.54
C ILE A 215 -8.39 -21.82 -2.99
N TYR A 216 -7.56 -22.29 -2.08
CA TYR A 216 -6.17 -22.51 -2.38
C TYR A 216 -6.07 -23.62 -3.42
N GLY A 217 -5.23 -23.40 -4.42
CA GLY A 217 -5.08 -24.26 -5.56
C GLY A 217 -4.02 -25.31 -5.38
N ASP A 218 -4.27 -26.51 -5.92
CA ASP A 218 -3.30 -27.58 -5.84
C ASP A 218 -2.55 -27.72 -7.15
N ARG A 219 -1.23 -27.65 -7.07
CA ARG A 219 -0.35 -27.81 -8.21
C ARG A 219 -0.50 -29.21 -8.78
N THR A 220 -0.64 -30.18 -7.89
CA THR A 220 -0.60 -31.59 -8.26
C THR A 220 -1.72 -31.94 -9.21
N LYS A 221 -2.89 -31.36 -8.99
CA LYS A 221 -4.02 -31.63 -9.85
C LYS A 221 -3.92 -30.71 -11.04
N PHE A 222 -2.93 -30.95 -11.89
CA PHE A 222 -2.80 -30.10 -13.06
C PHE A 222 -1.92 -30.86 -14.00
N ASP A 223 -2.17 -30.72 -15.29
CA ASP A 223 -1.34 -31.43 -16.24
C ASP A 223 -0.64 -30.47 -17.15
N LEU A 224 0.68 -30.51 -17.10
CA LEU A 224 1.46 -29.86 -18.11
C LEU A 224 1.13 -30.59 -19.39
N ASP A 225 0.94 -31.90 -19.28
CA ASP A 225 0.60 -32.71 -20.44
C ASP A 225 -0.72 -32.29 -21.06
N ARG A 226 -1.72 -32.04 -20.24
CA ARG A 226 -3.01 -31.55 -20.72
C ARG A 226 -2.94 -30.15 -21.31
N PHE A 227 -2.20 -29.28 -20.63
CA PHE A 227 -2.17 -27.87 -20.94
C PHE A 227 -1.44 -27.53 -22.22
N THR A 228 -1.95 -26.54 -22.94
CA THR A 228 -1.22 -25.95 -24.06
C THR A 228 -1.62 -24.50 -24.26
N GLU A 229 -0.73 -23.70 -24.82
CA GLU A 229 -1.08 -22.31 -25.11
C GLU A 229 -0.83 -22.01 -26.57
N ILE A 230 -1.81 -21.38 -27.22
CA ILE A 230 -1.67 -21.07 -28.62
C ILE A 230 -2.02 -19.62 -28.93
N MET A 231 -1.28 -18.98 -29.81
CA MET A 231 -1.41 -17.53 -30.01
C MET A 231 -2.68 -17.19 -30.75
N PRO A 232 -3.20 -15.99 -30.56
CA PRO A 232 -4.51 -15.69 -31.16
C PRO A 232 -4.44 -15.84 -32.66
N GLU A 233 -3.25 -15.73 -33.22
CA GLU A 233 -3.10 -15.68 -34.67
C GLU A 233 -3.69 -16.92 -35.30
N SER A 234 -3.50 -18.06 -34.67
CA SER A 234 -4.16 -19.27 -35.12
C SER A 234 -5.66 -19.28 -34.83
N TRP A 235 -5.99 -18.98 -33.58
CA TRP A 235 -7.33 -19.14 -33.05
C TRP A 235 -8.39 -18.26 -33.70
N TYR A 236 -8.06 -16.99 -33.93
CA TYR A 236 -9.01 -16.05 -34.48
C TYR A 236 -9.30 -16.20 -35.95
N ASP A 237 -10.54 -15.92 -36.29
CA ASP A 237 -11.05 -15.97 -37.65
C ASP A 237 -10.39 -14.96 -38.58
N ASP A 238 -10.18 -13.75 -38.06
CA ASP A 238 -9.81 -12.62 -38.89
C ASP A 238 -8.34 -12.27 -38.78
N PRO A 239 -7.74 -11.88 -39.99
CA PRO A 239 -6.35 -11.44 -39.81
C PRO A 239 -6.32 -10.20 -38.95
N GLU A 240 -7.28 -9.31 -39.16
CA GLU A 240 -7.34 -8.05 -38.42
C GLU A 240 -7.51 -8.28 -36.94
N ILE A 241 -8.34 -9.26 -36.62
CA ILE A 241 -8.76 -9.54 -35.27
C ILE A 241 -7.67 -10.35 -34.59
N ALA A 242 -7.06 -11.26 -35.33
CA ALA A 242 -5.95 -12.04 -34.80
C ALA A 242 -4.78 -11.14 -34.47
N LYS A 243 -4.47 -10.20 -35.36
CA LYS A 243 -3.45 -9.20 -35.12
C LYS A 243 -3.81 -8.24 -33.99
N ARG A 244 -5.06 -7.83 -33.93
CA ARG A 244 -5.48 -6.91 -32.89
C ARG A 244 -5.42 -7.51 -31.49
N ALA A 245 -5.81 -8.78 -31.36
CA ALA A 245 -5.96 -9.37 -30.05
C ALA A 245 -4.64 -9.36 -29.35
N CYS A 246 -4.64 -9.03 -28.08
CA CYS A 246 -3.39 -9.00 -27.35
C CYS A 246 -3.17 -10.23 -26.51
N SER A 247 -4.03 -11.23 -26.60
CA SER A 247 -3.94 -12.30 -25.62
C SER A 247 -3.77 -13.68 -26.23
N THR A 248 -2.83 -14.44 -25.72
CA THR A 248 -2.70 -15.84 -26.08
C THR A 248 -3.88 -16.62 -25.51
N ILE A 249 -4.28 -17.69 -26.20
CA ILE A 249 -5.41 -18.47 -25.74
C ILE A 249 -4.85 -19.73 -25.14
N PRO A 250 -5.22 -20.08 -23.92
CA PRO A 250 -4.58 -21.27 -23.37
C PRO A 250 -5.57 -22.40 -23.51
N LEU A 251 -5.14 -23.49 -24.12
CA LEU A 251 -6.04 -24.55 -24.49
C LEU A 251 -5.91 -25.73 -23.56
N TYR A 252 -7.03 -26.20 -23.04
CA TYR A 252 -7.01 -27.41 -22.27
C TYR A 252 -7.50 -28.54 -23.15
N ASP A 253 -6.61 -29.50 -23.35
CA ASP A 253 -6.85 -30.68 -24.16
C ASP A 253 -7.34 -30.22 -25.52
N GLY A 254 -6.79 -29.12 -26.01
CA GLY A 254 -7.14 -28.62 -27.33
C GLY A 254 -8.54 -28.05 -27.34
N ARG A 255 -9.09 -27.81 -26.17
CA ARG A 255 -10.45 -27.31 -26.07
C ARG A 255 -10.49 -25.99 -25.33
N ASN A 256 -11.16 -24.98 -25.87
CA ASN A 256 -11.24 -23.74 -25.15
C ASN A 256 -11.99 -24.03 -23.88
N VAL A 257 -11.52 -23.44 -22.79
CA VAL A 257 -11.93 -23.74 -21.42
C VAL A 257 -12.39 -22.50 -20.69
N GLU A 258 -13.53 -22.59 -20.01
CA GLU A 258 -13.97 -21.50 -19.16
C GLU A 258 -13.80 -21.91 -17.71
N VAL A 259 -12.97 -21.17 -16.99
CA VAL A 259 -12.66 -21.49 -15.60
C VAL A 259 -13.20 -20.38 -14.74
N GLY A 260 -13.97 -20.72 -13.72
CA GLY A 260 -14.64 -19.69 -12.96
C GLY A 260 -15.07 -20.13 -11.60
N PRO A 261 -15.72 -19.25 -10.86
CA PRO A 261 -16.36 -19.69 -9.64
C PRO A 261 -17.41 -20.70 -10.05
N ARG A 262 -18.07 -20.46 -11.18
CA ARG A 262 -19.06 -21.40 -11.64
C ARG A 262 -18.32 -22.69 -11.88
N ALA A 263 -17.17 -22.63 -12.51
CA ALA A 263 -16.35 -23.81 -12.73
C ALA A 263 -15.82 -24.39 -11.46
N ARG A 264 -15.38 -23.53 -10.54
CA ARG A 264 -14.85 -24.00 -9.26
C ARG A 264 -15.89 -24.70 -8.44
N MET A 265 -17.11 -24.20 -8.48
CA MET A 265 -18.24 -24.88 -7.84
C MET A 265 -18.65 -26.19 -8.46
N VAL A 266 -18.70 -26.26 -9.78
CA VAL A 266 -19.17 -27.49 -10.40
C VAL A 266 -18.18 -28.62 -10.16
N GLU A 267 -16.90 -28.33 -10.31
CA GLU A 267 -15.89 -29.33 -10.04
C GLU A 267 -15.86 -29.78 -8.60
N PHE A 268 -15.95 -28.84 -7.66
CA PHE A 268 -15.79 -29.18 -6.26
C PHE A 268 -17.05 -29.20 -5.40
N GLN A 269 -17.83 -28.13 -5.42
CA GLN A 269 -19.09 -28.09 -4.69
C GLN A 269 -20.17 -29.02 -5.23
N GLY A 270 -20.28 -29.09 -6.54
CA GLY A 270 -21.39 -29.78 -7.17
C GLY A 270 -22.43 -28.72 -7.44
N PHE A 271 -22.43 -28.20 -8.65
CA PHE A 271 -23.30 -27.11 -9.03
C PHE A 271 -23.92 -27.44 -10.37
N LYS A 272 -24.95 -28.25 -10.37
CA LYS A 272 -25.44 -28.81 -11.61
C LYS A 272 -25.89 -27.74 -12.58
N GLU A 273 -26.54 -26.70 -12.06
CA GLU A 273 -27.08 -25.66 -12.93
C GLU A 273 -26.02 -24.88 -13.70
N ARG A 274 -26.29 -24.60 -14.97
CA ARG A 274 -25.40 -23.78 -15.76
C ARG A 274 -26.20 -22.67 -16.40
N GLY A 275 -25.70 -21.46 -16.35
CA GLY A 275 -26.21 -20.30 -17.08
C GLY A 275 -25.31 -19.11 -16.88
N VAL A 276 -25.57 -18.00 -17.56
CA VAL A 276 -24.99 -16.70 -17.16
C VAL A 276 -25.55 -16.27 -15.80
N VAL A 277 -26.83 -16.51 -15.62
CA VAL A 277 -27.46 -16.24 -14.36
C VAL A 277 -26.76 -17.14 -13.37
N ALA A 278 -26.43 -18.35 -13.82
CA ALA A 278 -25.74 -19.31 -13.00
C ALA A 278 -24.36 -18.84 -12.60
N GLN A 279 -23.62 -18.22 -13.50
CA GLN A 279 -22.31 -17.71 -13.14
C GLN A 279 -22.49 -16.67 -12.07
N HIS A 280 -23.50 -15.83 -12.23
CA HIS A 280 -23.74 -14.80 -11.21
C HIS A 280 -24.08 -15.40 -9.87
N VAL A 281 -24.91 -16.42 -9.86
CA VAL A 281 -25.32 -17.04 -8.63
C VAL A 281 -24.10 -17.61 -7.99
N ALA A 282 -23.24 -18.20 -8.80
CA ALA A 282 -22.02 -18.85 -8.36
C ALA A 282 -21.09 -17.88 -7.69
N ARG A 283 -21.00 -16.66 -8.18
CA ARG A 283 -20.09 -15.69 -7.54
C ARG A 283 -20.42 -15.37 -6.08
N ALA A 284 -21.71 -15.34 -5.72
CA ALA A 284 -22.21 -15.07 -4.38
C ALA A 284 -21.88 -16.20 -3.42
N LEU A 285 -22.38 -17.38 -3.73
CA LEU A 285 -22.14 -18.54 -2.90
C LEU A 285 -20.64 -18.79 -2.77
N GLU A 286 -19.90 -18.44 -3.82
CA GLU A 286 -18.45 -18.61 -3.78
C GLU A 286 -17.76 -17.75 -2.73
N MET A 287 -18.08 -16.46 -2.67
CA MET A 287 -17.54 -15.64 -1.58
C MET A 287 -18.05 -16.17 -0.23
N LYS A 288 -19.30 -16.62 -0.24
CA LYS A 288 -19.88 -17.21 0.96
C LYS A 288 -18.96 -18.30 1.51
N THR A 289 -18.54 -19.22 0.67
CA THR A 289 -17.59 -20.26 1.04
C THR A 289 -16.21 -19.75 1.42
N ALA A 290 -15.67 -18.84 0.63
CA ALA A 290 -14.38 -18.26 0.97
C ALA A 290 -14.35 -17.75 2.41
N LEU A 291 -15.19 -16.77 2.69
CA LEU A 291 -15.22 -16.13 3.99
C LEU A 291 -15.20 -17.14 5.14
N SER A 292 -15.78 -18.31 4.94
CA SER A 292 -15.80 -19.32 5.99
C SER A 292 -14.38 -19.73 6.34
N ARG A 293 -13.65 -20.12 5.31
CA ARG A 293 -12.30 -20.60 5.47
C ARG A 293 -11.56 -19.49 6.13
N ALA A 294 -11.84 -18.27 5.72
CA ALA A 294 -11.21 -17.14 6.37
C ALA A 294 -11.24 -17.38 7.86
N ILE A 295 -12.43 -17.38 8.45
CA ILE A 295 -12.56 -17.53 9.89
C ILE A 295 -12.05 -18.90 10.38
N GLU A 296 -12.34 -19.96 9.64
CA GLU A 296 -11.82 -21.27 9.99
C GLU A 296 -10.31 -21.19 10.22
N ILE A 297 -9.54 -20.85 9.20
CA ILE A 297 -8.09 -20.90 9.37
C ILE A 297 -7.69 -19.99 10.53
N LEU A 298 -8.40 -18.88 10.68
CA LEU A 298 -8.07 -17.86 11.67
C LEU A 298 -8.16 -18.35 13.11
N ASP A 299 -9.18 -19.13 13.41
CA ASP A 299 -9.41 -19.60 14.77
C ASP A 299 -8.28 -20.51 15.27
N GLU A 300 -7.93 -21.46 14.40
CA GLU A 300 -6.76 -22.32 14.54
C GLU A 300 -5.50 -21.79 13.86
N LEU A 301 -4.86 -20.78 14.45
CA LEU A 301 -3.63 -20.25 13.89
C LEU A 301 -2.54 -20.27 14.95
N ASP A 302 -1.35 -20.74 14.59
CA ASP A 302 -0.31 -20.94 15.58
C ASP A 302 0.11 -19.65 16.25
N THR A 303 0.34 -18.61 15.45
CA THR A 303 0.55 -17.22 15.88
C THR A 303 1.94 -17.00 16.44
N SER A 304 2.65 -18.09 16.72
CA SER A 304 4.06 -18.02 17.10
C SER A 304 4.95 -18.92 16.26
N ALA A 305 4.34 -19.81 15.50
CA ALA A 305 5.08 -20.69 14.63
C ALA A 305 5.73 -19.84 13.56
N PRO A 306 7.02 -20.22 13.15
CA PRO A 306 7.62 -19.29 12.17
C PRO A 306 6.95 -19.35 10.82
N VAL A 307 6.87 -18.20 10.15
CA VAL A 307 6.41 -18.13 8.77
C VAL A 307 7.49 -18.41 7.71
N ARG A 308 8.66 -17.85 7.91
CA ARG A 308 9.74 -18.00 6.97
C ARG A 308 10.37 -19.38 7.02
N ALA A 309 10.59 -19.99 5.87
CA ALA A 309 11.50 -21.10 5.73
C ALA A 309 12.69 -20.69 4.90
N ASP A 310 13.89 -20.83 5.45
CA ASP A 310 15.09 -20.44 4.71
C ASP A 310 15.36 -21.37 3.54
N PHE A 311 15.86 -20.79 2.45
CA PHE A 311 15.95 -21.50 1.19
C PHE A 311 17.15 -21.04 0.38
N ASP A 312 17.58 -21.86 -0.58
CA ASP A 312 18.68 -21.51 -1.46
C ASP A 312 18.15 -21.02 -2.80
N GLU A 313 18.45 -19.75 -3.07
CA GLU A 313 18.01 -19.03 -4.27
C GLU A 313 18.56 -19.59 -5.58
N ARG A 314 19.83 -19.97 -5.58
CA ARG A 314 20.39 -20.54 -6.78
C ARG A 314 19.57 -21.79 -6.95
N GLY A 315 19.15 -22.08 -8.16
CA GLY A 315 18.19 -23.15 -8.34
C GLY A 315 18.59 -24.17 -9.37
N THR A 316 18.03 -25.36 -9.25
CA THR A 316 18.15 -26.35 -10.28
C THR A 316 17.33 -25.87 -11.45
N GLY A 317 17.68 -26.30 -12.64
CA GLY A 317 17.06 -25.76 -13.82
C GLY A 317 15.58 -26.05 -13.76
N LYS A 318 15.22 -27.05 -12.98
CA LYS A 318 13.88 -27.63 -13.04
C LYS A 318 12.80 -26.60 -12.78
N LEU A 319 11.79 -26.60 -13.66
CA LEU A 319 10.65 -25.69 -13.54
C LEU A 319 9.62 -26.19 -12.57
N GLY A 320 8.90 -25.26 -11.96
CA GLY A 320 7.87 -25.61 -11.00
C GLY A 320 6.62 -24.81 -11.28
N ILE A 321 5.47 -25.39 -10.97
CA ILE A 321 4.19 -24.74 -11.25
C ILE A 321 3.45 -24.43 -9.96
N GLY A 322 2.96 -23.21 -9.85
CA GLY A 322 2.14 -22.87 -8.71
C GLY A 322 0.78 -22.47 -9.18
N ALA A 323 -0.25 -23.15 -8.71
CA ALA A 323 -1.59 -22.85 -9.16
C ALA A 323 -2.44 -22.51 -7.96
N ILE A 324 -3.10 -21.36 -8.00
CA ILE A 324 -3.99 -20.95 -6.95
C ILE A 324 -5.21 -20.33 -7.61
N GLU A 325 -6.34 -20.33 -6.92
CA GLU A 325 -7.57 -19.90 -7.54
C GLU A 325 -7.82 -18.42 -7.32
N ALA A 326 -7.64 -17.64 -8.37
CA ALA A 326 -8.00 -16.23 -8.31
C ALA A 326 -9.51 -16.07 -8.38
N PRO A 327 -10.01 -15.00 -7.78
CA PRO A 327 -11.44 -14.73 -7.74
C PRO A 327 -12.09 -14.91 -9.10
N ARG A 328 -11.37 -14.67 -10.19
CA ARG A 328 -11.96 -14.81 -11.53
C ARG A 328 -11.73 -16.14 -12.22
N GLY A 329 -11.01 -17.05 -11.59
CA GLY A 329 -10.81 -18.40 -12.10
C GLY A 329 -9.37 -18.87 -11.98
N LEU A 330 -9.09 -20.06 -12.46
CA LEU A 330 -7.83 -20.70 -12.18
C LEU A 330 -6.69 -19.94 -12.75
N ASP A 331 -5.60 -20.05 -12.06
CA ASP A 331 -4.33 -19.33 -12.27
C ASP A 331 -3.19 -20.29 -12.01
N VAL A 332 -2.16 -20.21 -12.83
CA VAL A 332 -0.91 -20.91 -12.54
C VAL A 332 0.28 -20.06 -12.97
N HIS A 333 1.39 -20.25 -12.27
CA HIS A 333 2.65 -19.59 -12.55
C HIS A 333 3.64 -20.72 -12.61
N MET A 334 4.43 -20.73 -13.68
CA MET A 334 5.52 -21.64 -13.78
C MET A 334 6.82 -20.85 -13.76
N ALA A 335 7.81 -21.24 -13.00
CA ALA A 335 9.08 -20.56 -13.12
C ALA A 335 10.21 -21.55 -13.06
N LYS A 336 11.30 -21.26 -13.75
CA LYS A 336 12.49 -22.04 -13.61
C LYS A 336 13.56 -21.10 -13.15
N VAL A 337 14.22 -21.44 -12.05
CA VAL A 337 15.27 -20.57 -11.55
C VAL A 337 16.60 -21.25 -11.74
N GLU A 338 17.47 -20.62 -12.51
CA GLU A 338 18.80 -21.14 -12.70
C GLU A 338 19.79 -20.04 -12.38
N ASN A 339 20.73 -20.30 -11.48
CA ASN A 339 21.70 -19.28 -11.16
C ASN A 339 21.07 -18.18 -10.37
N GLY A 340 19.94 -18.49 -9.80
CA GLY A 340 19.29 -17.54 -8.93
C GLY A 340 18.57 -16.42 -9.65
N LYS A 341 18.48 -16.52 -10.97
CA LYS A 341 17.69 -15.58 -11.74
C LYS A 341 16.75 -16.33 -12.66
N ILE A 342 15.50 -15.89 -12.76
CA ILE A 342 14.54 -16.62 -13.54
C ILE A 342 14.99 -16.73 -15.00
N GLN A 343 14.87 -17.93 -15.54
CA GLN A 343 15.17 -18.28 -16.90
C GLN A 343 13.98 -18.41 -17.87
N PHE A 344 12.86 -18.91 -17.34
CA PHE A 344 11.61 -18.97 -18.06
C PHE A 344 10.51 -18.64 -17.08
N TYR A 345 9.66 -17.66 -17.40
CA TYR A 345 8.51 -17.39 -16.57
C TYR A 345 7.24 -17.34 -17.39
N SER A 346 6.21 -18.09 -17.00
CA SER A 346 4.96 -18.05 -17.72
C SER A 346 3.78 -17.94 -16.78
N ALA A 347 2.86 -17.04 -17.09
CA ALA A 347 1.66 -16.93 -16.29
C ALA A 347 0.42 -17.05 -17.15
N LEU A 348 -0.51 -17.86 -16.70
CA LEU A 348 -1.80 -17.98 -17.33
C LEU A 348 -2.81 -17.47 -16.34
N VAL A 349 -3.54 -16.44 -16.67
CA VAL A 349 -4.39 -15.82 -15.66
C VAL A 349 -5.81 -16.22 -15.93
N PRO A 350 -6.69 -16.11 -14.85
CA PRO A 350 -7.95 -16.83 -15.07
C PRO A 350 -8.69 -16.32 -16.28
N THR A 351 -8.64 -15.03 -16.51
CA THR A 351 -9.29 -14.48 -17.68
C THR A 351 -8.73 -15.07 -18.95
N THR A 352 -7.45 -15.35 -18.99
CA THR A 352 -6.83 -15.75 -20.24
C THR A 352 -7.53 -16.99 -20.75
N TRP A 353 -7.88 -17.87 -19.83
CA TRP A 353 -8.51 -19.11 -20.16
C TRP A 353 -9.83 -18.82 -20.78
N ASN A 354 -10.54 -17.88 -20.19
CA ASN A 354 -11.89 -17.46 -20.60
C ASN A 354 -12.07 -16.79 -21.91
N ILE A 355 -11.14 -15.95 -22.33
CA ILE A 355 -11.42 -15.03 -23.40
C ILE A 355 -11.82 -15.79 -24.65
N PRO A 356 -11.11 -16.97 -24.94
CA PRO A 356 -11.67 -17.69 -26.10
C PRO A 356 -13.10 -18.19 -25.90
N THR A 357 -13.46 -18.71 -24.74
CA THR A 357 -14.82 -19.20 -24.50
C THR A 357 -15.89 -18.12 -24.53
N MET A 358 -15.56 -16.91 -24.15
CA MET A 358 -16.49 -15.79 -24.11
C MET A 358 -17.10 -15.40 -25.45
N GLY A 359 -16.34 -15.47 -26.52
CA GLY A 359 -16.92 -15.15 -27.80
C GLY A 359 -17.97 -16.14 -28.24
N PRO A 360 -17.62 -17.49 -28.12
CA PRO A 360 -18.71 -18.41 -28.47
C PRO A 360 -19.95 -18.27 -27.60
N ALA A 361 -19.76 -17.85 -26.35
CA ALA A 361 -20.86 -17.70 -25.41
C ALA A 361 -21.86 -16.65 -25.88
N THR A 362 -21.35 -15.56 -26.43
CA THR A 362 -22.22 -14.50 -26.92
C THR A 362 -22.69 -14.81 -28.34
N GLU A 363 -23.49 -15.86 -28.46
CA GLU A 363 -24.10 -16.23 -29.73
C GLU A 363 -25.54 -16.67 -29.46
N GLY A 364 -26.43 -16.43 -30.41
CA GLY A 364 -27.81 -16.81 -30.23
C GLY A 364 -28.68 -15.64 -29.81
N PHE A 365 -28.70 -15.37 -28.51
CA PHE A 365 -29.54 -14.32 -27.96
C PHE A 365 -29.18 -12.94 -28.49
N HIS A 366 -30.22 -12.14 -28.74
CA HIS A 366 -30.07 -10.80 -29.27
C HIS A 366 -28.91 -10.12 -28.57
N HIS A 367 -28.09 -9.46 -29.37
CA HIS A 367 -26.77 -8.99 -28.97
C HIS A 367 -26.81 -8.00 -27.83
N GLU A 368 -27.91 -7.31 -27.66
CA GLU A 368 -28.01 -6.33 -26.58
C GLU A 368 -27.74 -7.09 -25.30
N TYR A 369 -28.20 -8.32 -25.28
CA TYR A 369 -27.87 -9.31 -24.28
C TYR A 369 -26.41 -9.66 -24.26
N GLY A 370 -25.78 -9.68 -25.42
CA GLY A 370 -24.49 -10.30 -25.56
C GLY A 370 -23.41 -9.72 -24.68
N PRO A 371 -23.38 -8.33 -24.52
CA PRO A 371 -22.44 -7.87 -23.51
C PRO A 371 -22.77 -8.35 -22.10
N HIS A 372 -24.02 -8.66 -21.82
CA HIS A 372 -24.39 -9.14 -20.51
C HIS A 372 -23.69 -10.44 -20.20
N VAL A 373 -23.55 -11.31 -21.20
CA VAL A 373 -22.84 -12.56 -21.01
C VAL A 373 -21.39 -12.34 -20.69
N ILE A 374 -20.78 -11.42 -21.39
CA ILE A 374 -19.37 -11.15 -21.23
C ILE A 374 -19.09 -10.60 -19.86
N ARG A 375 -19.95 -9.68 -19.44
CA ARG A 375 -19.82 -9.01 -18.15
C ARG A 375 -20.04 -10.00 -17.03
N ALA A 376 -20.76 -11.08 -17.30
CA ALA A 376 -20.97 -12.06 -16.25
C ALA A 376 -19.66 -12.74 -15.85
N TYR A 377 -18.81 -12.99 -16.84
CA TYR A 377 -17.51 -13.56 -16.58
C TYR A 377 -16.63 -12.62 -15.75
N ASP A 378 -16.99 -11.34 -15.69
CA ASP A 378 -16.28 -10.42 -14.82
C ASP A 378 -14.80 -10.52 -15.14
N PRO A 379 -14.50 -10.49 -16.51
CA PRO A 379 -13.07 -10.64 -16.78
C PRO A 379 -12.30 -9.40 -16.40
N CYS A 380 -11.07 -9.55 -15.91
CA CYS A 380 -10.19 -8.40 -15.78
C CYS A 380 -9.09 -8.59 -16.79
N LEU A 381 -9.05 -7.73 -17.79
CA LEU A 381 -8.08 -7.92 -18.86
C LEU A 381 -6.66 -7.81 -18.35
N SER A 382 -6.41 -6.85 -17.48
CA SER A 382 -5.04 -6.60 -17.10
C SER A 382 -4.44 -7.93 -16.72
N CYS A 383 -5.22 -8.76 -16.05
CA CYS A 383 -4.84 -10.14 -15.84
C CYS A 383 -4.65 -11.00 -17.10
N ALA A 384 -5.60 -10.90 -18.02
CA ALA A 384 -5.61 -11.70 -19.25
C ALA A 384 -4.38 -11.44 -20.10
N THR A 385 -3.94 -10.20 -20.17
CA THR A 385 -2.86 -9.83 -21.09
C THR A 385 -1.50 -9.73 -20.39
N HIS A 386 -1.47 -9.06 -19.24
CA HIS A 386 -0.23 -8.77 -18.50
C HIS A 386 0.91 -8.23 -19.38
N LYS B 46 -22.05 17.26 -8.40
CA LYS B 46 -22.30 17.93 -9.65
C LYS B 46 -21.02 18.08 -10.45
N PRO B 47 -19.85 18.29 -9.70
CA PRO B 47 -18.64 18.47 -10.53
C PRO B 47 -18.33 17.19 -11.26
N ARG B 48 -17.88 17.28 -12.50
CA ARG B 48 -17.67 16.10 -13.30
C ARG B 48 -16.23 15.63 -13.19
N ILE B 49 -16.07 14.40 -12.71
CA ILE B 49 -14.76 13.77 -12.64
C ILE B 49 -14.78 12.67 -13.66
N GLY B 50 -13.67 12.52 -14.36
CA GLY B 50 -13.58 11.52 -15.44
C GLY B 50 -12.30 10.76 -15.15
N TYR B 51 -12.23 9.43 -15.24
CA TYR B 51 -10.95 8.72 -14.99
C TYR B 51 -10.68 7.79 -16.17
N ILE B 52 -9.58 7.90 -16.89
CA ILE B 52 -9.41 7.02 -18.03
C ILE B 52 -8.16 6.20 -17.85
N HIS B 53 -8.28 4.88 -17.90
CA HIS B 53 -7.15 4.04 -17.54
C HIS B 53 -6.48 3.48 -18.79
N LEU B 54 -5.41 4.14 -19.19
CA LEU B 54 -4.68 3.76 -20.38
C LEU B 54 -4.05 2.38 -20.30
N SER B 55 -3.32 2.12 -19.23
CA SER B 55 -2.64 0.85 -19.11
C SER B 55 -2.22 0.62 -17.68
N GLY B 56 -3.17 0.32 -16.80
CA GLY B 56 -2.87 0.33 -15.39
C GLY B 56 -3.29 -0.92 -14.68
N CYS B 57 -2.53 -1.28 -13.67
CA CYS B 57 -2.88 -2.47 -12.93
C CYS B 57 -4.31 -2.32 -12.47
N THR B 58 -4.79 -1.08 -12.38
CA THR B 58 -6.14 -0.75 -11.97
C THR B 58 -6.27 -0.71 -10.48
N GLY B 59 -5.16 -0.78 -9.77
CA GLY B 59 -5.21 -0.65 -8.35
C GLY B 59 -5.77 0.73 -8.06
N ASP B 60 -5.33 1.70 -8.84
CA ASP B 60 -5.66 3.08 -8.55
C ASP B 60 -7.16 3.25 -8.43
N ALA B 61 -7.91 2.63 -9.34
CA ALA B 61 -9.36 2.71 -9.30
C ALA B 61 -9.88 2.08 -8.03
N MET B 62 -9.29 0.95 -7.66
CA MET B 62 -9.70 0.20 -6.48
C MET B 62 -9.48 1.03 -5.24
N SER B 63 -8.39 1.77 -5.21
CA SER B 63 -8.09 2.58 -4.05
C SER B 63 -9.24 3.57 -3.92
N LEU B 64 -9.70 4.06 -5.06
CA LEU B 64 -10.78 5.03 -5.08
C LEU B 64 -12.03 4.49 -4.37
N THR B 65 -12.34 3.22 -4.61
CA THR B 65 -13.46 2.56 -3.93
C THR B 65 -13.15 2.27 -2.48
N GLU B 66 -11.88 2.34 -2.09
CA GLU B 66 -11.53 1.98 -0.74
C GLU B 66 -12.18 2.90 0.26
N ASN B 67 -12.25 4.19 -0.04
CA ASN B 67 -12.82 5.12 0.94
C ASN B 67 -14.31 4.91 0.93
N TYR B 68 -14.69 3.86 1.64
CA TYR B 68 -16.04 3.33 1.68
C TYR B 68 -17.05 4.28 2.29
N ASP B 69 -16.67 4.90 3.40
CA ASP B 69 -17.63 5.70 4.14
C ASP B 69 -18.08 6.85 3.25
N ILE B 70 -17.12 7.49 2.59
CA ILE B 70 -17.39 8.47 1.56
C ILE B 70 -18.05 7.88 0.33
N LEU B 71 -17.60 6.70 -0.05
CA LEU B 71 -17.81 6.21 -1.40
C LEU B 71 -19.25 6.04 -1.82
N ALA B 72 -20.08 5.45 -0.96
CA ALA B 72 -21.42 5.10 -1.41
C ALA B 72 -22.19 6.35 -1.78
N GLU B 73 -22.13 7.35 -0.93
CA GLU B 73 -22.71 8.64 -1.17
C GLU B 73 -22.01 9.37 -2.29
N LEU B 74 -20.69 9.23 -2.29
CA LEU B 74 -19.83 10.15 -3.01
C LEU B 74 -20.07 10.20 -4.51
N LEU B 75 -20.21 9.04 -5.14
CA LEU B 75 -20.49 9.04 -6.56
C LEU B 75 -21.84 9.70 -6.75
N THR B 76 -22.79 9.33 -5.91
CA THR B 76 -24.13 9.90 -5.98
C THR B 76 -24.24 11.38 -5.64
N ASN B 77 -23.53 11.86 -4.62
CA ASN B 77 -23.80 13.21 -4.17
C ASN B 77 -22.59 14.09 -4.39
N MET B 78 -21.45 13.61 -3.92
CA MET B 78 -20.21 14.36 -3.93
C MET B 78 -19.67 14.71 -5.31
N VAL B 79 -19.75 13.76 -6.23
CA VAL B 79 -19.12 13.91 -7.52
C VAL B 79 -19.91 13.24 -8.62
N ASP B 80 -19.69 13.70 -9.85
CA ASP B 80 -20.31 13.12 -11.02
C ASP B 80 -19.23 12.47 -11.83
N ILE B 81 -19.41 11.19 -12.16
CA ILE B 81 -18.40 10.47 -12.91
C ILE B 81 -18.90 10.19 -14.32
N VAL B 82 -18.12 10.59 -15.31
CA VAL B 82 -18.51 10.43 -16.70
C VAL B 82 -17.37 9.85 -17.51
N TYR B 83 -17.69 9.19 -18.60
CA TYR B 83 -16.66 8.61 -19.44
C TYR B 83 -15.65 7.78 -18.69
N GLY B 84 -16.11 6.91 -17.81
CA GLY B 84 -15.22 5.91 -17.25
C GLY B 84 -15.66 4.58 -17.81
N GLN B 85 -14.80 3.93 -18.57
CA GLN B 85 -15.20 2.65 -19.16
C GLN B 85 -15.45 1.65 -18.08
N THR B 86 -14.61 1.66 -17.05
CA THR B 86 -14.82 0.82 -15.90
C THR B 86 -16.10 1.19 -15.17
N LEU B 87 -16.29 2.46 -14.88
CA LEU B 87 -17.40 2.87 -14.01
C LEU B 87 -18.65 3.32 -14.74
N VAL B 88 -18.57 3.40 -16.07
CA VAL B 88 -19.68 3.95 -16.85
C VAL B 88 -19.60 3.43 -18.26
N ASP B 89 -20.69 3.55 -19.01
CA ASP B 89 -20.68 3.05 -20.38
C ASP B 89 -21.18 4.06 -21.40
N LEU B 90 -20.41 5.12 -21.58
CA LEU B 90 -20.58 6.00 -22.72
C LEU B 90 -19.23 6.04 -23.40
N TRP B 91 -19.21 5.77 -24.69
CA TRP B 91 -17.95 5.59 -25.38
C TRP B 91 -17.13 6.87 -25.63
N GLU B 92 -17.80 7.96 -25.99
CA GLU B 92 -17.06 9.19 -26.27
C GLU B 92 -17.21 10.22 -25.16
N MET B 93 -16.06 10.71 -24.69
CA MET B 93 -16.01 11.54 -23.51
C MET B 93 -16.61 12.93 -23.65
N PRO B 94 -17.34 13.31 -22.62
CA PRO B 94 -17.91 14.64 -22.48
C PRO B 94 -16.83 15.56 -21.97
N GLU B 95 -17.01 16.87 -22.02
CA GLU B 95 -16.01 17.70 -21.40
C GLU B 95 -16.11 17.32 -19.94
N MET B 96 -14.97 17.26 -19.27
CA MET B 96 -14.93 16.88 -17.87
C MET B 96 -14.06 17.82 -17.06
N ASP B 97 -14.48 18.14 -15.85
CA ASP B 97 -13.76 19.10 -15.04
C ASP B 97 -12.36 18.62 -14.73
N LEU B 98 -12.20 17.33 -14.43
CA LEU B 98 -10.88 16.76 -14.29
C LEU B 98 -10.84 15.34 -14.82
N ALA B 99 -9.70 14.91 -15.34
CA ALA B 99 -9.57 13.56 -15.86
C ALA B 99 -8.50 12.80 -15.13
N LEU B 100 -8.83 11.61 -14.66
CA LEU B 100 -7.88 10.78 -13.92
C LEU B 100 -7.49 9.59 -14.77
N VAL B 101 -6.19 9.49 -15.01
CA VAL B 101 -5.64 8.56 -15.97
C VAL B 101 -4.81 7.52 -15.25
N GLU B 102 -5.29 6.29 -15.22
CA GLU B 102 -4.66 5.27 -14.41
C GLU B 102 -3.25 4.86 -14.78
N GLY B 103 -2.98 4.70 -16.06
CA GLY B 103 -1.77 4.00 -16.46
C GLY B 103 -0.90 4.68 -17.48
N SER B 104 0.38 4.33 -17.49
CA SER B 104 1.31 4.96 -18.39
C SER B 104 0.90 4.67 -19.82
N VAL B 105 1.00 5.68 -20.67
CA VAL B 105 0.64 5.52 -22.07
C VAL B 105 1.68 4.65 -22.73
N CYS B 106 1.28 3.98 -23.80
CA CYS B 106 2.21 3.19 -24.56
C CYS B 106 2.32 3.76 -25.96
N LEU B 107 3.55 4.00 -26.40
CA LEU B 107 3.81 4.68 -27.68
C LEU B 107 3.29 3.91 -28.89
N GLN B 108 3.53 2.60 -28.83
CA GLN B 108 3.17 1.69 -29.90
C GLN B 108 1.69 1.58 -30.11
N ASP B 109 0.92 1.51 -29.03
CA ASP B 109 -0.50 1.25 -29.19
C ASP B 109 -1.10 2.47 -29.79
N GLU B 110 -1.75 2.29 -30.93
CA GLU B 110 -2.34 3.40 -31.64
C GLU B 110 -3.45 4.02 -30.85
N HIS B 111 -4.27 3.19 -30.23
CA HIS B 111 -5.39 3.72 -29.48
C HIS B 111 -5.01 4.56 -28.27
N SER B 112 -4.04 4.10 -27.49
CA SER B 112 -3.75 4.80 -26.25
C SER B 112 -3.28 6.20 -26.61
N LEU B 113 -2.42 6.29 -27.60
CA LEU B 113 -1.91 7.59 -28.02
C LEU B 113 -3.05 8.41 -28.57
N HIS B 114 -3.92 7.77 -29.33
CA HIS B 114 -5.04 8.47 -29.93
C HIS B 114 -5.95 9.00 -28.84
N GLU B 115 -6.20 8.17 -27.84
CA GLU B 115 -7.06 8.55 -26.74
C GLU B 115 -6.50 9.71 -25.94
N LEU B 116 -5.19 9.69 -25.69
CA LEU B 116 -4.55 10.70 -24.88
C LEU B 116 -4.70 12.08 -25.51
N LYS B 117 -4.55 12.16 -26.82
CA LYS B 117 -4.69 13.43 -27.50
C LYS B 117 -6.10 13.95 -27.34
N GLU B 118 -7.08 13.06 -27.44
CA GLU B 118 -8.47 13.44 -27.28
C GLU B 118 -8.71 13.96 -25.88
N LEU B 119 -8.06 13.33 -24.91
CA LEU B 119 -8.31 13.60 -23.52
C LEU B 119 -8.01 15.03 -23.16
N ARG B 120 -6.97 15.60 -23.76
CA ARG B 120 -6.56 16.94 -23.36
C ARG B 120 -7.63 17.97 -23.66
N GLU B 121 -8.30 17.85 -24.80
CA GLU B 121 -9.39 18.76 -25.11
C GLU B 121 -10.57 18.52 -24.18
N LYS B 122 -10.90 17.25 -23.99
CA LYS B 122 -12.08 16.87 -23.24
C LYS B 122 -12.02 17.28 -21.78
N ALA B 123 -10.85 17.14 -21.17
CA ALA B 123 -10.75 17.41 -19.75
C ALA B 123 -10.20 18.80 -19.48
N LYS B 124 -10.99 19.64 -18.83
CA LYS B 124 -10.60 21.02 -18.61
C LYS B 124 -9.32 20.96 -17.83
N LEU B 125 -9.26 20.02 -16.91
CA LEU B 125 -8.06 19.77 -16.15
C LEU B 125 -7.69 18.29 -16.27
N VAL B 126 -6.45 18.00 -16.63
CA VAL B 126 -6.04 16.60 -16.68
C VAL B 126 -5.05 16.31 -15.58
N CYS B 127 -5.41 15.34 -14.75
CA CYS B 127 -4.60 14.95 -13.62
C CYS B 127 -4.25 13.50 -13.80
N ALA B 128 -2.98 13.16 -13.64
CA ALA B 128 -2.56 11.79 -13.79
C ALA B 128 -2.33 11.26 -12.41
N PHE B 129 -2.97 10.14 -12.09
CA PHE B 129 -2.84 9.61 -10.75
C PHE B 129 -2.40 8.16 -10.72
N GLY B 130 -1.74 7.79 -9.64
CA GLY B 130 -1.18 6.47 -9.49
C GLY B 130 0.18 6.71 -10.07
N SER B 131 1.18 5.95 -9.66
CA SER B 131 2.49 6.15 -10.23
C SER B 131 2.37 5.83 -11.69
N CYS B 132 1.60 4.83 -12.09
CA CYS B 132 1.72 4.43 -13.47
C CYS B 132 1.39 5.56 -14.45
N ALA B 133 0.38 6.36 -14.21
CA ALA B 133 0.34 7.60 -14.96
C ALA B 133 1.43 8.60 -14.61
N ALA B 134 1.62 8.88 -13.33
CA ALA B 134 2.60 9.89 -12.91
C ALA B 134 4.11 9.64 -13.12
N THR B 135 4.60 8.46 -12.79
CA THR B 135 6.04 8.19 -12.90
C THR B 135 6.38 7.08 -13.87
N GLY B 136 5.38 6.32 -14.29
CA GLY B 136 5.59 5.23 -15.20
C GLY B 136 5.86 3.97 -14.43
N CYS B 137 6.19 4.13 -13.16
CA CYS B 137 6.09 3.08 -12.16
C CYS B 137 6.81 1.81 -12.55
N PHE B 138 6.21 0.65 -12.31
CA PHE B 138 6.85 -0.62 -12.60
C PHE B 138 6.99 -0.78 -14.10
N THR B 139 6.22 0.00 -14.84
CA THR B 139 6.11 -0.17 -16.27
C THR B 139 7.49 -0.02 -16.84
N ARG B 140 8.29 0.84 -16.23
CA ARG B 140 9.57 1.18 -16.81
C ARG B 140 10.40 -0.06 -16.98
N TYR B 141 10.31 -1.00 -16.05
CA TYR B 141 11.12 -2.19 -16.15
C TYR B 141 10.87 -2.98 -17.42
N SER B 142 9.70 -2.78 -18.01
CA SER B 142 9.30 -3.61 -19.12
C SER B 142 10.20 -3.48 -20.33
N ARG B 143 10.56 -4.62 -20.88
CA ARG B 143 11.17 -4.71 -22.18
C ARG B 143 10.21 -5.54 -22.98
N GLY B 144 9.79 -5.04 -24.12
CA GLY B 144 8.67 -5.60 -24.82
C GLY B 144 9.09 -6.89 -25.44
N GLY B 145 8.18 -7.59 -26.10
CA GLY B 145 8.53 -8.87 -26.66
C GLY B 145 7.94 -10.07 -25.99
N GLN B 146 6.91 -9.86 -25.19
CA GLN B 146 6.17 -10.95 -24.60
C GLN B 146 4.89 -11.09 -25.38
N GLN B 147 4.62 -12.27 -25.88
CA GLN B 147 3.44 -12.54 -26.70
C GLN B 147 2.17 -12.48 -25.88
N ALA B 148 1.05 -12.15 -26.50
CA ALA B 148 0.95 -11.85 -27.92
C ALA B 148 1.39 -10.43 -28.03
N GLN B 149 1.39 -9.86 -29.22
CA GLN B 149 1.82 -8.48 -29.35
C GLN B 149 3.23 -8.28 -28.85
N PRO B 150 4.21 -9.11 -29.44
CA PRO B 150 5.55 -8.95 -28.86
C PRO B 150 6.07 -7.55 -28.99
N SER B 151 5.61 -6.79 -29.97
CA SER B 151 6.15 -5.46 -30.21
C SER B 151 6.02 -4.47 -29.05
N HIS B 152 4.90 -4.44 -28.32
CA HIS B 152 4.75 -3.33 -27.38
C HIS B 152 5.79 -3.39 -26.30
N GLU B 153 6.82 -2.57 -26.42
CA GLU B 153 7.87 -2.56 -25.42
C GLU B 153 8.02 -1.24 -24.71
N SER B 154 7.42 -0.18 -25.23
CA SER B 154 7.70 1.09 -24.57
C SER B 154 6.49 1.71 -23.87
N PHE B 155 6.66 2.03 -22.60
CA PHE B 155 5.62 2.77 -21.87
C PHE B 155 6.17 4.02 -21.21
N VAL B 156 5.47 5.13 -21.32
CA VAL B 156 5.95 6.36 -20.76
C VAL B 156 4.89 7.01 -19.89
N PRO B 157 5.30 7.76 -18.88
CA PRO B 157 4.31 8.37 -18.02
C PRO B 157 3.51 9.28 -18.91
N ILE B 158 2.22 9.38 -18.67
CA ILE B 158 1.39 10.16 -19.55
C ILE B 158 1.92 11.57 -19.53
N ALA B 159 2.51 11.95 -18.40
CA ALA B 159 2.89 13.32 -18.17
C ALA B 159 3.83 13.80 -19.25
N ASP B 160 4.74 12.94 -19.70
CA ASP B 160 5.69 13.36 -20.71
C ASP B 160 4.98 13.75 -22.01
N LEU B 161 3.98 12.96 -22.41
CA LEU B 161 3.22 13.24 -23.63
C LEU B 161 2.41 14.53 -23.60
N ILE B 162 1.70 14.78 -22.51
CA ILE B 162 0.83 15.93 -22.44
C ILE B 162 1.08 16.64 -21.13
N ASP B 163 0.98 17.97 -21.12
CA ASP B 163 1.13 18.65 -19.85
C ASP B 163 -0.01 18.17 -18.97
N VAL B 164 0.32 17.87 -17.72
CA VAL B 164 -0.66 17.38 -16.78
C VAL B 164 -0.72 18.32 -15.59
N ASP B 165 -1.92 18.74 -15.23
CA ASP B 165 -2.04 19.71 -14.17
C ASP B 165 -1.51 19.21 -12.83
N LEU B 166 -1.96 18.04 -12.41
CA LEU B 166 -1.41 17.48 -11.21
C LEU B 166 -1.38 15.99 -11.31
N ALA B 167 -0.36 15.39 -10.71
CA ALA B 167 -0.30 13.95 -10.60
C ALA B 167 -0.01 13.65 -9.17
N LEU B 168 -0.78 12.73 -8.60
CA LEU B 168 -0.46 12.25 -7.28
C LEU B 168 -0.11 10.80 -7.44
N PRO B 169 1.07 10.43 -7.00
CA PRO B 169 1.62 9.11 -7.24
C PRO B 169 1.30 8.16 -6.11
N GLY B 170 1.87 6.95 -6.16
CA GLY B 170 1.52 5.89 -5.19
C GLY B 170 1.08 4.74 -6.05
N CYS B 171 1.24 3.54 -5.54
CA CYS B 171 0.90 2.33 -6.32
C CYS B 171 0.15 1.33 -5.44
N PRO B 172 -1.14 1.60 -5.20
CA PRO B 172 -1.89 2.75 -5.67
C PRO B 172 -1.69 3.94 -4.71
N PRO B 173 -2.29 5.09 -5.01
CA PRO B 173 -2.32 6.17 -4.03
C PRO B 173 -3.19 5.74 -2.87
N SER B 174 -2.87 6.13 -1.64
CA SER B 174 -3.64 5.68 -0.49
C SER B 174 -5.02 6.20 -0.69
N PRO B 175 -6.03 5.49 -0.22
CA PRO B 175 -7.39 5.94 -0.54
C PRO B 175 -7.64 7.34 0.01
N GLU B 176 -7.10 7.62 1.19
CA GLU B 176 -7.35 8.90 1.84
C GLU B 176 -6.82 10.08 1.02
N ILE B 177 -5.63 9.95 0.47
CA ILE B 177 -5.10 11.08 -0.28
C ILE B 177 -6.02 11.35 -1.44
N ILE B 178 -6.45 10.28 -2.09
CA ILE B 178 -7.31 10.43 -3.25
C ILE B 178 -8.63 11.09 -2.88
N ALA B 179 -9.19 10.70 -1.74
CA ALA B 179 -10.39 11.35 -1.25
C ALA B 179 -10.13 12.81 -0.86
N LYS B 180 -9.00 13.08 -0.23
CA LYS B 180 -8.70 14.42 0.22
C LYS B 180 -8.60 15.35 -0.96
N THR B 181 -7.95 14.91 -2.02
CA THR B 181 -7.84 15.74 -3.21
C THR B 181 -9.20 16.01 -3.83
N VAL B 182 -10.03 14.99 -3.90
CA VAL B 182 -11.32 15.14 -4.54
C VAL B 182 -12.16 16.16 -3.79
N VAL B 183 -12.16 16.07 -2.47
CA VAL B 183 -12.86 17.07 -1.68
C VAL B 183 -12.19 18.40 -1.91
N ALA B 184 -10.87 18.41 -1.96
CA ALA B 184 -10.15 19.64 -2.18
C ALA B 184 -10.48 20.20 -3.55
N LEU B 185 -10.44 19.34 -4.57
CA LEU B 185 -10.73 19.78 -5.92
C LEU B 185 -12.16 20.23 -6.02
N LEU B 186 -13.04 19.46 -5.39
CA LEU B 186 -14.46 19.77 -5.33
C LEU B 186 -14.70 21.07 -4.57
N ASN B 187 -13.94 21.27 -3.50
CA ASN B 187 -14.07 22.45 -2.67
C ASN B 187 -13.11 23.55 -3.09
N ASN B 188 -12.42 23.32 -4.20
CA ASN B 188 -11.64 24.34 -4.89
C ASN B 188 -10.50 25.03 -4.14
N ASP B 189 -9.74 24.29 -3.34
CA ASP B 189 -8.61 24.89 -2.64
C ASP B 189 -7.25 24.38 -3.16
N MET B 190 -6.39 25.29 -3.58
CA MET B 190 -5.09 24.92 -4.13
C MET B 190 -3.87 25.19 -3.26
N ASP B 191 -4.06 25.62 -2.02
CA ASP B 191 -2.94 25.73 -1.11
C ASP B 191 -2.54 24.30 -0.80
N TYR B 192 -3.59 23.49 -0.65
CA TYR B 192 -3.44 22.07 -0.40
C TYR B 192 -2.79 21.33 -1.55
N LEU B 193 -3.19 21.64 -2.77
CA LEU B 193 -2.75 20.87 -3.92
C LEU B 193 -1.52 21.51 -4.51
N GLN B 194 -0.93 22.43 -3.79
CA GLN B 194 0.27 23.05 -4.25
C GLN B 194 1.31 21.99 -4.40
N PRO B 195 1.38 21.03 -3.38
CA PRO B 195 2.47 20.05 -3.56
C PRO B 195 2.31 19.21 -4.80
N MET B 196 1.09 18.75 -5.07
CA MET B 196 0.80 17.93 -6.24
C MET B 196 1.01 18.63 -7.56
N LEU B 197 0.64 19.90 -7.65
CA LEU B 197 0.81 20.62 -8.90
C LEU B 197 2.28 20.57 -9.22
N ASP B 198 3.06 20.71 -8.17
CA ASP B 198 4.51 20.62 -8.24
C ASP B 198 5.03 19.24 -8.63
N LEU B 199 4.36 18.21 -8.11
CA LEU B 199 4.68 16.81 -8.36
C LEU B 199 4.41 16.37 -9.77
N ALA B 200 3.64 17.15 -10.54
CA ALA B 200 3.29 16.74 -11.88
C ALA B 200 4.57 16.60 -12.69
N GLY B 201 5.55 17.42 -12.36
CA GLY B 201 6.82 17.42 -13.05
C GLY B 201 7.60 16.13 -12.90
N TYR B 202 7.29 15.37 -11.86
CA TYR B 202 8.20 14.39 -11.32
C TYR B 202 8.68 13.24 -12.22
N THR B 203 7.82 12.56 -12.96
CA THR B 203 8.30 11.58 -13.93
C THR B 203 9.30 10.58 -13.34
N GLU B 204 10.47 10.38 -13.93
CA GLU B 204 11.30 9.25 -13.53
C GLU B 204 11.67 9.32 -12.05
N ALA B 205 11.52 8.21 -11.31
CA ALA B 205 11.88 8.21 -9.89
C ALA B 205 12.44 6.89 -9.35
N CYS B 206 13.73 6.76 -9.11
CA CYS B 206 14.32 5.53 -8.69
C CYS B 206 14.01 5.53 -7.24
N GLY B 207 14.16 4.37 -6.62
CA GLY B 207 14.36 4.28 -5.18
C GLY B 207 15.67 4.98 -4.92
N CYS B 208 16.51 4.86 -5.96
CA CYS B 208 17.92 5.22 -5.97
C CYS B 208 18.04 6.69 -5.69
N ASP B 209 17.08 7.43 -6.16
CA ASP B 209 17.00 8.89 -6.16
C ASP B 209 16.91 9.70 -4.86
N LEU B 210 16.22 9.20 -3.86
CA LEU B 210 16.24 9.86 -2.58
C LEU B 210 17.67 9.85 -2.10
N GLN B 211 18.44 8.83 -2.43
CA GLN B 211 19.89 8.92 -2.20
C GLN B 211 20.55 10.04 -2.98
N THR B 212 20.31 10.17 -4.28
CA THR B 212 20.79 11.33 -5.02
C THR B 212 20.07 12.63 -4.71
N LYS B 213 18.76 12.54 -4.64
CA LYS B 213 17.97 13.72 -4.40
C LYS B 213 18.18 14.28 -3.01
N VAL B 214 18.25 13.44 -1.99
CA VAL B 214 18.35 13.95 -0.63
C VAL B 214 19.57 13.56 0.19
N VAL B 215 19.85 12.28 0.35
CA VAL B 215 20.93 11.87 1.24
C VAL B 215 22.25 12.44 0.79
N ASN B 216 22.45 12.51 -0.51
CA ASN B 216 23.64 13.12 -1.07
C ASN B 216 23.75 14.61 -0.81
N GLN B 217 22.62 15.29 -0.86
CA GLN B 217 22.56 16.72 -0.66
C GLN B 217 22.97 17.02 0.77
N GLY B 218 22.90 16.01 1.62
CA GLY B 218 23.21 16.17 3.03
C GLY B 218 21.97 16.61 3.79
N LEU B 219 20.85 16.64 3.09
CA LEU B 219 19.55 16.90 3.69
C LEU B 219 19.12 15.83 4.68
N CYS B 220 19.38 14.57 4.38
CA CYS B 220 18.80 13.51 5.18
C CYS B 220 19.23 13.59 6.62
N ILE B 221 18.26 13.41 7.52
CA ILE B 221 18.49 13.38 8.95
C ILE B 221 18.25 12.01 9.59
N GLY B 222 17.93 11.04 8.76
CA GLY B 222 17.62 9.67 9.18
C GLY B 222 16.37 9.46 10.05
N CYS B 223 15.30 10.16 9.71
CA CYS B 223 14.05 10.06 10.45
C CYS B 223 13.36 8.69 10.22
N GLY B 224 13.50 8.14 9.02
CA GLY B 224 12.88 6.87 8.70
C GLY B 224 11.50 6.95 8.05
N THR B 225 11.00 8.15 7.79
CA THR B 225 9.68 8.32 7.19
C THR B 225 9.50 7.72 5.79
N CYS B 226 10.52 7.84 4.96
CA CYS B 226 10.47 7.36 3.59
C CYS B 226 10.39 5.85 3.36
N ALA B 227 11.08 5.12 4.23
CA ALA B 227 11.00 3.67 4.29
C ALA B 227 9.61 3.25 4.67
N MET B 228 9.00 3.96 5.59
CA MET B 228 7.63 3.61 5.96
C MET B 228 6.75 3.80 4.74
N ALA B 229 6.98 4.85 3.97
CA ALA B 229 6.23 5.04 2.74
C ALA B 229 6.84 4.26 1.59
N CYS B 230 6.84 2.95 1.70
CA CYS B 230 7.14 2.04 0.60
C CYS B 230 6.11 0.93 0.54
N GLN B 231 5.31 0.98 -0.51
CA GLN B 231 4.33 -0.02 -0.82
C GLN B 231 5.02 -1.33 -1.10
N THR B 232 6.11 -1.24 -1.85
CA THR B 232 6.92 -2.39 -2.22
C THR B 232 7.60 -2.96 -1.01
N ARG B 233 8.03 -2.10 -0.10
CA ARG B 233 8.85 -2.49 1.03
C ARG B 233 10.29 -2.68 0.62
N ALA B 234 10.63 -2.19 -0.55
CA ALA B 234 11.99 -2.29 -1.03
C ALA B 234 12.95 -1.52 -0.16
N LEU B 235 12.58 -0.32 0.27
CA LEU B 235 13.45 0.48 1.13
C LEU B 235 13.58 -0.05 2.54
N ASP B 236 14.79 -0.03 3.09
CA ASP B 236 14.95 -0.25 4.53
C ASP B 236 16.15 0.49 5.07
N MET B 237 16.14 0.79 6.37
CA MET B 237 17.14 1.68 6.93
C MET B 237 18.29 0.97 7.61
N THR B 238 19.46 0.98 6.97
CA THR B 238 20.71 0.64 7.61
C THR B 238 21.12 1.88 8.36
N ASN B 239 21.93 1.75 9.40
CA ASN B 239 22.15 2.88 10.27
C ASN B 239 22.75 4.06 9.54
N GLY B 240 22.16 5.22 9.73
CA GLY B 240 20.75 5.37 10.01
C GLY B 240 20.01 5.76 8.73
N ARG B 241 20.76 5.86 7.64
CA ARG B 241 20.27 6.27 6.32
C ARG B 241 19.47 5.20 5.63
N PRO B 242 18.67 5.64 4.55
CA PRO B 242 17.87 4.56 3.96
C PRO B 242 18.68 3.79 2.95
N GLU B 243 18.61 2.47 3.01
CA GLU B 243 19.31 1.63 2.05
C GLU B 243 18.21 0.84 1.42
N LEU B 244 18.19 0.77 0.09
CA LEU B 244 17.10 0.13 -0.61
C LEU B 244 17.64 -0.92 -1.53
N ASN B 245 16.87 -1.96 -1.80
CA ASN B 245 17.39 -3.00 -2.63
C ASN B 245 16.59 -3.09 -3.90
N SER B 246 17.25 -2.90 -5.02
CA SER B 246 16.64 -2.63 -6.30
C SER B 246 15.82 -3.77 -6.83
N ASP B 247 16.09 -4.98 -6.38
CA ASP B 247 15.47 -6.14 -6.97
C ASP B 247 13.99 -5.97 -6.78
N ARG B 248 13.68 -5.20 -5.77
CA ARG B 248 12.33 -5.07 -5.23
C ARG B 248 11.73 -3.67 -5.34
N CYS B 249 12.33 -2.78 -6.12
CA CYS B 249 11.77 -1.43 -6.24
C CYS B 249 11.05 -1.22 -7.55
N ILE B 250 9.84 -0.70 -7.47
CA ILE B 250 9.02 -0.47 -8.65
C ILE B 250 9.12 0.95 -9.18
N LYS B 251 9.96 1.76 -8.59
CA LYS B 251 10.08 3.10 -9.09
C LYS B 251 8.77 3.83 -8.98
N CYS B 252 8.01 3.59 -7.93
CA CYS B 252 6.73 4.26 -7.76
C CYS B 252 6.96 5.71 -7.47
N GLY B 253 8.00 5.96 -6.69
CA GLY B 253 8.35 7.29 -6.24
C GLY B 253 7.83 7.79 -4.90
N ILE B 254 7.09 6.96 -4.18
CA ILE B 254 6.55 7.35 -2.89
C ILE B 254 7.60 7.80 -1.88
N CYS B 255 8.76 7.16 -1.88
CA CYS B 255 9.85 7.53 -0.99
C CYS B 255 10.34 8.94 -1.34
N TYR B 256 10.53 9.32 -2.57
CA TYR B 256 11.00 10.68 -2.69
C TYR B 256 10.00 11.67 -2.16
N VAL B 257 8.73 11.43 -2.44
CA VAL B 257 7.64 12.28 -1.99
C VAL B 257 7.43 12.36 -0.49
N GLN B 258 7.56 11.28 0.23
CA GLN B 258 7.25 11.32 1.63
C GLN B 258 8.37 11.74 2.57
N CYS B 259 9.58 11.93 2.06
CA CYS B 259 10.66 12.40 2.92
C CYS B 259 10.28 13.78 3.39
N PRO B 260 10.45 14.02 4.76
CA PRO B 260 10.12 15.39 5.16
C PRO B 260 11.00 16.37 4.44
N ARG B 261 12.24 15.97 4.21
CA ARG B 261 13.23 16.81 3.58
C ARG B 261 12.89 17.23 2.16
N SER B 262 12.25 16.36 1.39
CA SER B 262 12.00 16.65 -0.01
C SER B 262 11.15 17.90 -0.26
N TRP B 263 10.11 18.11 0.55
CA TRP B 263 9.38 19.37 0.52
C TRP B 263 8.44 19.46 1.68
N TRP B 264 8.56 20.53 2.44
CA TRP B 264 7.82 20.70 3.67
C TRP B 264 6.67 21.65 3.46
N PRO B 265 5.45 21.17 3.58
CA PRO B 265 4.29 22.04 3.59
C PRO B 265 4.05 22.54 4.99
N GLU B 266 3.85 23.84 5.16
CA GLU B 266 3.40 24.39 6.43
C GLU B 266 1.88 24.53 6.46
N GLU B 267 1.27 23.89 5.47
CA GLU B 267 -0.15 23.73 5.32
C GLU B 267 -0.77 22.91 6.44
N GLN B 268 -0.06 21.85 6.82
CA GLN B 268 -0.50 20.85 7.79
C GLN B 268 -0.70 21.46 9.15
N ILE B 269 0.14 22.42 9.49
CA ILE B 269 0.12 23.01 10.80
C ILE B 269 -1.28 23.57 11.00
N LYS B 270 -1.84 24.12 9.94
CA LYS B 270 -3.21 24.59 9.98
C LYS B 270 -4.17 23.43 10.23
N LYS B 271 -3.92 22.29 9.61
CA LYS B 271 -4.84 21.16 9.74
C LYS B 271 -5.00 20.61 11.15
N GLU B 272 -3.90 20.43 11.87
CA GLU B 272 -3.98 19.96 13.25
C GLU B 272 -4.63 20.98 14.17
N LEU B 273 -4.34 22.25 13.93
CA LEU B 273 -4.64 23.32 14.86
C LEU B 273 -4.88 24.66 14.15
N VAL C 2 11.07 30.80 19.65
CA VAL C 2 10.14 30.51 20.73
C VAL C 2 9.65 29.07 20.66
N LEU C 3 8.79 28.71 21.59
CA LEU C 3 8.10 27.43 21.56
C LEU C 3 7.01 27.47 20.52
N GLY C 4 6.61 26.31 20.02
CA GLY C 4 5.46 26.22 19.13
C GLY C 4 4.22 26.49 19.97
N THR C 5 3.12 26.88 19.35
CA THR C 5 1.96 27.24 20.16
C THR C 5 1.56 26.03 20.95
N TYR C 6 1.25 26.25 22.22
CA TYR C 6 1.05 25.16 23.16
C TYR C 6 -0.12 25.43 24.07
N LYS C 7 -0.69 24.38 24.63
CA LYS C 7 -1.79 24.51 25.57
C LYS C 7 -1.29 24.92 26.95
N GLU C 8 -0.15 24.38 27.36
CA GLU C 8 0.43 24.73 28.65
C GLU C 8 1.88 24.25 28.77
N ILE C 9 2.63 24.80 29.71
CA ILE C 9 3.98 24.30 29.97
C ILE C 9 4.10 23.85 31.42
N VAL C 10 4.67 22.68 31.63
CA VAL C 10 4.86 22.15 32.98
C VAL C 10 6.17 21.43 33.05
N SER C 11 6.71 21.30 34.25
CA SER C 11 7.85 20.43 34.46
C SER C 11 7.38 19.32 35.38
N ALA C 12 7.51 18.07 34.95
CA ALA C 12 6.95 16.97 35.71
C ALA C 12 7.83 15.74 35.71
N ARG C 13 7.59 14.88 36.69
CA ARG C 13 8.27 13.62 36.85
C ARG C 13 7.22 12.55 37.01
N SER C 14 7.43 11.36 36.44
CA SER C 14 6.55 10.25 36.74
C SER C 14 6.81 9.74 38.14
N THR C 15 5.73 9.35 38.82
CA THR C 15 5.79 8.88 40.20
C THR C 15 6.58 7.60 40.40
N ASP C 16 6.43 6.64 39.49
CA ASP C 16 6.92 5.30 39.72
C ASP C 16 8.43 5.21 39.90
N ARG C 17 8.84 4.34 40.80
CA ARG C 17 10.25 4.16 41.12
C ARG C 17 11.03 3.68 39.91
N GLU C 18 10.44 2.76 39.16
CA GLU C 18 11.09 2.24 37.97
C GLU C 18 11.29 3.32 36.91
N ILE C 19 10.28 4.16 36.71
CA ILE C 19 10.46 5.21 35.72
C ILE C 19 11.52 6.18 36.17
N GLN C 20 11.54 6.55 37.43
CA GLN C 20 12.58 7.42 37.90
C GLN C 20 13.92 6.73 37.78
N LYS C 21 13.96 5.44 38.09
CA LYS C 21 15.22 4.71 38.07
C LYS C 21 15.89 4.69 36.70
N LEU C 22 15.14 4.37 35.65
CA LEU C 22 15.73 4.21 34.32
C LEU C 22 15.44 5.34 33.31
N ALA C 23 14.43 6.15 33.58
CA ALA C 23 14.11 7.25 32.71
C ALA C 23 15.25 8.24 32.70
N GLN C 24 15.53 8.83 31.54
CA GLN C 24 16.65 9.73 31.41
C GLN C 24 16.52 10.93 32.30
N ASP C 25 15.34 11.53 32.33
CA ASP C 25 15.16 12.77 33.06
C ASP C 25 14.02 12.65 34.04
N GLY C 26 12.91 13.00 33.45
CA GLY C 26 11.56 13.07 33.96
C GLY C 26 11.02 11.67 34.11
N GLY C 27 11.30 10.87 33.10
CA GLY C 27 10.67 9.58 32.96
C GLY C 27 9.25 9.78 32.46
N ILE C 28 8.96 10.98 32.00
CA ILE C 28 7.65 11.27 31.43
C ILE C 28 7.31 10.51 30.15
N VAL C 29 8.22 10.38 29.20
CA VAL C 29 7.87 9.67 27.98
C VAL C 29 7.44 8.24 28.25
N THR C 30 8.22 7.53 29.04
CA THR C 30 7.91 6.18 29.44
C THR C 30 6.67 6.11 30.30
N GLY C 31 6.51 7.06 31.22
CA GLY C 31 5.36 7.12 32.09
C GLY C 31 4.10 7.52 31.35
N LEU C 32 4.22 8.52 30.50
CA LEU C 32 3.08 8.95 29.72
C LEU C 32 2.65 7.86 28.76
N LEU C 33 3.62 7.25 28.11
CA LEU C 33 3.32 6.17 27.19
C LEU C 33 2.75 4.97 27.89
N ALA C 34 3.33 4.60 29.02
CA ALA C 34 2.86 3.43 29.74
C ALA C 34 1.44 3.63 30.26
N TYR C 35 1.15 4.83 30.75
CA TYR C 35 -0.18 5.09 31.28
C TYR C 35 -1.21 4.94 30.17
N ALA C 36 -0.87 5.39 28.97
CA ALA C 36 -1.85 5.39 27.90
C ALA C 36 -2.27 3.96 27.71
N LEU C 37 -1.31 3.06 27.83
CA LEU C 37 -1.58 1.65 27.68
C LEU C 37 -2.67 1.20 28.65
N ASP C 38 -2.57 1.66 29.88
CA ASP C 38 -3.57 1.36 30.91
C ASP C 38 -4.89 1.90 30.42
N GLU C 39 -4.94 3.20 30.17
CA GLU C 39 -6.14 3.86 29.68
C GLU C 39 -6.54 3.23 28.35
N GLY C 40 -5.55 2.86 27.55
CA GLY C 40 -5.82 2.19 26.29
C GLY C 40 -6.01 3.10 25.09
N ILE C 41 -5.64 4.36 25.28
CA ILE C 41 -5.72 5.34 24.21
C ILE C 41 -4.82 4.82 23.12
N ILE C 42 -3.69 4.27 23.52
CA ILE C 42 -2.78 3.62 22.61
C ILE C 42 -2.74 2.15 22.93
N GLU C 43 -2.94 1.32 21.91
CA GLU C 43 -2.69 -0.11 21.94
C GLU C 43 -1.22 -0.50 22.09
N GLY C 44 -0.33 0.22 21.45
CA GLY C 44 1.09 -0.02 21.49
C GLY C 44 1.81 1.21 21.02
N ALA C 45 3.09 1.35 21.32
CA ALA C 45 3.84 2.50 20.88
C ALA C 45 5.16 2.03 20.32
N VAL C 46 5.79 2.80 19.45
CA VAL C 46 7.08 2.41 18.93
C VAL C 46 8.17 3.24 19.59
N VAL C 47 9.05 2.57 20.33
CA VAL C 47 10.07 3.27 21.09
C VAL C 47 11.44 2.73 20.74
N ALA C 48 12.36 3.63 20.43
CA ALA C 48 13.67 3.21 19.98
C ALA C 48 14.43 2.44 21.04
N GLY C 49 15.23 1.49 20.61
CA GLY C 49 16.07 0.70 21.49
C GLY C 49 15.34 -0.57 21.86
N PRO C 50 16.05 -1.70 22.34
CA PRO C 50 17.51 -1.58 22.38
C PRO C 50 18.17 -2.41 21.29
N GLY C 51 19.07 -1.77 20.54
CA GLY C 51 19.69 -2.32 19.35
C GLY C 51 20.76 -3.38 19.55
N GLU C 52 21.15 -4.04 18.45
CA GLU C 52 22.15 -5.09 18.52
C GLU C 52 23.50 -4.56 19.03
N GLU C 53 23.92 -3.41 18.54
CA GLU C 53 25.12 -2.77 19.06
C GLU C 53 24.88 -2.31 20.49
N PHE C 54 25.93 -1.89 21.18
CA PHE C 54 25.75 -1.33 22.51
C PHE C 54 25.30 0.09 22.39
N TRP C 55 24.30 0.46 23.16
CA TRP C 55 23.87 1.84 23.17
C TRP C 55 23.52 2.26 21.77
N LYS C 56 22.97 1.33 21.01
CA LYS C 56 22.53 1.59 19.66
C LYS C 56 21.07 1.32 19.65
N PRO C 57 20.27 2.34 19.13
CA PRO C 57 18.84 2.08 19.30
C PRO C 57 18.29 1.47 18.06
N GLN C 58 17.49 0.43 18.17
CA GLN C 58 16.79 -0.07 17.00
C GLN C 58 15.34 0.00 17.36
N PRO C 59 14.53 0.59 16.49
CA PRO C 59 13.13 0.87 16.88
C PRO C 59 12.31 -0.39 17.11
N MET C 60 11.49 -0.40 18.15
CA MET C 60 10.71 -1.57 18.48
C MET C 60 9.33 -1.12 18.96
N VAL C 61 8.30 -1.87 18.58
CA VAL C 61 6.96 -1.49 18.97
C VAL C 61 6.59 -2.40 20.12
N ALA C 62 6.32 -1.81 21.28
CA ALA C 62 6.05 -2.62 22.44
C ALA C 62 4.62 -2.44 22.88
N MET C 63 3.84 -3.50 22.78
CA MET C 63 2.56 -3.54 23.44
C MET C 63 2.71 -3.55 24.95
N SER C 64 3.69 -4.31 25.44
CA SER C 64 3.88 -4.50 26.87
C SER C 64 4.45 -3.28 27.58
N SER C 65 3.93 -2.99 28.76
CA SER C 65 4.50 -1.93 29.58
C SER C 65 5.91 -2.28 30.02
N ASP C 66 6.15 -3.56 30.30
CA ASP C 66 7.46 -4.00 30.76
C ASP C 66 8.51 -3.69 29.71
N GLU C 67 8.08 -3.88 28.46
CA GLU C 67 8.82 -3.60 27.24
C GLU C 67 9.11 -2.12 27.06
N LEU C 68 8.16 -1.27 27.39
CA LEU C 68 8.37 0.16 27.28
C LEU C 68 9.48 0.55 28.22
N LYS C 69 9.49 -0.07 29.39
CA LYS C 69 10.51 0.22 30.39
C LYS C 69 11.89 -0.12 29.86
N ALA C 70 12.00 -1.23 29.16
CA ALA C 70 13.28 -1.61 28.57
C ALA C 70 13.71 -0.57 27.55
N ALA C 71 12.75 -0.09 26.77
CA ALA C 71 12.99 0.94 25.76
C ALA C 71 13.45 2.26 26.37
N ALA C 72 12.87 2.60 27.53
CA ALA C 72 13.12 3.90 28.16
C ALA C 72 14.58 4.12 28.56
N GLY C 73 15.09 5.29 28.19
CA GLY C 73 16.49 5.64 28.33
C GLY C 73 16.74 6.59 27.17
N THR C 74 17.95 7.10 27.00
CA THR C 74 18.23 7.93 25.84
C THR C 74 19.45 7.47 25.07
N LYS C 75 19.31 7.28 23.77
CA LYS C 75 20.43 6.90 22.95
C LYS C 75 20.55 7.94 21.87
N TYR C 76 21.71 8.60 21.79
CA TYR C 76 21.83 9.76 20.93
C TYR C 76 22.24 9.36 19.53
N THR C 77 21.46 8.54 18.87
CA THR C 77 21.90 8.14 17.56
C THR C 77 20.65 8.18 16.73
N PHE C 78 20.77 8.04 15.41
CA PHE C 78 19.57 7.91 14.61
C PHE C 78 18.97 6.60 15.04
N SER C 79 17.70 6.64 15.40
CA SER C 79 16.88 5.45 15.44
C SER C 79 15.70 5.87 14.61
N PRO C 80 15.51 5.14 13.43
CA PRO C 80 14.40 5.68 12.62
C PRO C 80 13.11 5.08 13.12
N ASN C 81 12.49 5.77 14.07
CA ASN C 81 11.35 5.23 14.78
C ASN C 81 10.22 4.95 13.85
N VAL C 82 10.12 5.87 12.90
CA VAL C 82 9.01 6.02 11.99
C VAL C 82 8.92 4.92 10.96
N MET C 83 9.98 4.17 10.78
CA MET C 83 9.94 3.06 9.86
C MET C 83 8.94 2.08 10.40
N MET C 84 8.92 1.93 11.71
CA MET C 84 8.07 0.96 12.35
C MET C 84 6.59 1.18 12.07
N LEU C 85 6.18 2.42 11.99
CA LEU C 85 4.79 2.74 12.11
C LEU C 85 3.97 1.92 11.13
N LYS C 86 4.42 1.76 9.91
CA LYS C 86 3.70 0.90 8.97
C LYS C 86 3.69 -0.53 9.43
N LYS C 87 4.83 -0.98 9.90
CA LYS C 87 4.95 -2.33 10.41
C LYS C 87 4.13 -2.59 11.64
N ALA C 88 4.08 -1.64 12.56
CA ALA C 88 3.35 -1.89 13.80
C ALA C 88 1.87 -1.94 13.57
N VAL C 89 1.35 -1.00 12.82
CA VAL C 89 -0.08 -0.98 12.54
C VAL C 89 -0.53 -2.21 11.74
N ARG C 90 0.28 -2.61 10.78
CA ARG C 90 -0.02 -3.72 9.89
C ARG C 90 -0.07 -5.12 10.46
N GLN C 91 0.89 -5.53 11.29
CA GLN C 91 0.93 -6.93 11.70
C GLN C 91 0.47 -7.16 13.12
N TYR C 92 1.05 -6.45 14.06
CA TYR C 92 0.54 -6.51 15.42
C TYR C 92 -0.54 -5.49 15.32
N GLY C 93 -1.69 -5.87 14.76
CA GLY C 93 -2.62 -4.87 14.30
C GLY C 93 -3.01 -3.96 15.45
N ILE C 94 -2.89 -2.67 15.20
CA ILE C 94 -3.13 -1.69 16.24
C ILE C 94 -4.06 -0.61 15.74
N GLU C 95 -5.22 -0.47 16.36
CA GLU C 95 -6.15 0.55 15.92
C GLU C 95 -5.61 1.94 16.16
N LYS C 96 -5.05 2.16 17.34
CA LYS C 96 -4.46 3.44 17.68
C LYS C 96 -3.10 3.21 18.30
N LEU C 97 -2.07 3.79 17.71
CA LEU C 97 -0.73 3.62 18.21
C LEU C 97 -0.05 4.95 18.47
N GLY C 98 0.64 5.04 19.59
CA GLY C 98 1.34 6.25 19.98
C GLY C 98 2.82 5.99 19.95
N THR C 99 3.59 6.96 19.49
CA THR C 99 5.01 6.76 19.31
C THR C 99 5.79 7.92 19.88
N VAL C 100 7.05 7.69 20.23
CA VAL C 100 7.91 8.73 20.72
C VAL C 100 8.77 9.17 19.56
N ALA C 101 8.72 10.45 19.22
CA ALA C 101 9.40 10.89 18.04
C ALA C 101 10.22 12.10 18.36
N ILE C 102 11.41 12.14 17.79
CA ILE C 102 12.30 13.26 17.90
C ILE C 102 11.57 14.33 17.12
N PRO C 103 12.03 15.65 17.29
CA PRO C 103 11.27 16.63 16.50
C PRO C 103 11.40 16.27 15.05
N CYS C 104 12.58 15.78 14.70
CA CYS C 104 12.92 15.49 13.32
C CYS C 104 12.01 14.48 12.68
N GLN C 105 11.79 13.38 13.39
CA GLN C 105 10.93 12.33 12.89
C GLN C 105 9.59 12.97 12.85
N THR C 106 9.33 13.72 13.91
CA THR C 106 8.01 14.29 14.07
C THR C 106 7.66 15.11 12.86
N MET C 107 8.61 15.84 12.28
CA MET C 107 8.28 16.64 11.12
C MET C 107 7.80 15.70 10.05
N GLY C 108 8.43 14.55 9.96
CA GLY C 108 8.14 13.58 8.93
C GLY C 108 6.77 12.97 8.96
N ILE C 109 6.28 12.62 10.15
CA ILE C 109 4.93 12.09 10.28
C ILE C 109 3.78 13.04 9.94
N ARG C 110 3.80 14.26 10.45
CA ARG C 110 2.61 15.09 10.32
C ARG C 110 2.24 15.35 8.87
N LYS C 111 3.21 15.69 8.03
CA LYS C 111 2.91 15.93 6.62
C LYS C 111 2.24 14.72 6.00
N MET C 112 2.72 13.56 6.40
CA MET C 112 2.23 12.26 5.98
C MET C 112 0.79 12.06 6.42
N GLN C 113 0.46 12.54 7.60
CA GLN C 113 -0.90 12.50 8.08
C GLN C 113 -1.66 13.49 7.26
N THR C 114 -1.09 14.67 7.01
CA THR C 114 -1.66 15.58 6.04
C THR C 114 -1.70 15.07 4.59
N TYR C 115 -0.62 14.43 4.14
CA TYR C 115 -0.45 14.02 2.73
C TYR C 115 -0.05 12.54 2.66
N PRO C 116 -1.07 11.61 2.85
CA PRO C 116 -0.58 10.23 2.97
C PRO C 116 0.14 9.73 1.74
N PHE C 117 -0.39 9.99 0.55
CA PHE C 117 0.39 9.71 -0.65
C PHE C 117 0.95 8.29 -0.68
N GLY C 118 0.11 7.30 -0.45
CA GLY C 118 0.61 5.94 -0.40
C GLY C 118 0.88 5.34 0.97
N VAL C 119 0.44 6.02 2.02
CA VAL C 119 0.30 5.39 3.31
C VAL C 119 -1.19 5.13 3.47
N ARG C 120 -1.56 3.87 3.64
CA ARG C 120 -2.96 3.52 3.68
C ARG C 120 -3.43 3.32 5.10
N PHE C 121 -4.34 4.19 5.53
CA PHE C 121 -5.09 3.93 6.75
C PHE C 121 -4.21 4.15 7.95
N LEU C 122 -2.91 4.29 7.70
CA LEU C 122 -1.97 4.47 8.78
C LEU C 122 -2.27 5.79 9.44
N ALA C 123 -2.62 6.76 8.61
CA ALA C 123 -2.60 8.15 8.98
C ALA C 123 -3.53 8.43 10.15
N ASP C 124 -4.70 7.82 10.11
CA ASP C 124 -5.69 7.93 11.18
C ASP C 124 -5.23 7.30 12.49
N LYS C 125 -4.50 6.21 12.37
CA LYS C 125 -4.20 5.33 13.47
C LYS C 125 -3.38 5.93 14.62
N ILE C 126 -2.43 6.81 14.35
CA ILE C 126 -1.62 7.35 15.44
C ILE C 126 -2.51 8.16 16.36
N LYS C 127 -2.46 7.90 17.66
CA LYS C 127 -3.33 8.62 18.57
C LYS C 127 -2.62 9.68 19.35
N LEU C 128 -1.52 9.30 19.98
CA LEU C 128 -0.71 10.28 20.65
C LEU C 128 0.69 10.18 20.13
N LEU C 129 1.17 11.24 19.52
CA LEU C 129 2.59 11.32 19.12
C LEU C 129 3.34 12.21 20.11
N VAL C 130 4.47 11.74 20.68
CA VAL C 130 5.26 12.49 21.69
C VAL C 130 6.58 13.00 21.07
N GLY C 131 6.91 14.28 21.21
CA GLY C 131 8.07 14.91 20.57
C GLY C 131 9.11 15.19 21.67
N ILE C 132 10.38 14.84 21.45
CA ILE C 132 11.44 15.05 22.44
C ILE C 132 12.40 16.13 21.90
N TYR C 133 12.71 17.19 22.65
CA TYR C 133 13.52 18.25 22.09
C TYR C 133 14.84 17.63 21.70
N CYS C 134 15.34 17.96 20.52
CA CYS C 134 16.66 17.50 20.13
C CYS C 134 17.45 18.67 19.60
N MET C 135 18.52 19.04 20.27
CA MET C 135 19.46 19.98 19.71
C MET C 135 20.19 19.45 18.50
N GLU C 136 20.87 18.32 18.64
CA GLU C 136 21.54 17.66 17.53
C GLU C 136 21.71 16.23 17.93
N ASN C 137 21.87 15.34 16.97
CA ASN C 137 22.18 13.97 17.30
C ASN C 137 23.07 13.43 16.25
N PHE C 138 23.85 12.40 16.59
CA PHE C 138 25.08 12.06 15.90
C PHE C 138 25.16 10.62 15.46
N PRO C 139 26.06 10.37 14.41
CA PRO C 139 26.02 8.99 13.93
C PRO C 139 26.64 8.06 14.93
N TYR C 140 26.38 6.76 14.88
CA TYR C 140 26.81 5.92 15.98
C TYR C 140 28.29 6.02 16.11
N THR C 141 28.99 5.98 15.00
CA THR C 141 30.42 6.17 14.93
C THR C 141 30.80 7.55 15.44
N SER C 142 30.01 8.56 15.09
CA SER C 142 30.34 9.90 15.54
C SER C 142 30.27 9.88 17.03
N LEU C 143 29.23 9.22 17.54
CA LEU C 143 29.05 9.06 18.97
C LEU C 143 30.15 8.24 19.60
N GLN C 144 30.56 7.20 18.89
CA GLN C 144 31.52 6.25 19.41
C GLN C 144 32.83 6.92 19.70
N THR C 145 33.23 7.85 18.85
CA THR C 145 34.50 8.51 19.05
C THR C 145 34.49 9.27 20.36
N PHE C 146 33.38 9.91 20.68
CA PHE C 146 33.33 10.72 21.87
C PHE C 146 33.58 9.88 23.09
N ILE C 147 32.87 8.77 23.17
CA ILE C 147 32.99 7.94 24.33
C ILE C 147 34.40 7.42 24.48
N CYS C 148 35.07 7.09 23.38
CA CYS C 148 36.43 6.55 23.51
C CYS C 148 37.65 7.47 23.35
N GLU C 149 37.76 8.26 22.28
CA GLU C 149 38.91 9.16 22.18
C GLU C 149 38.82 10.21 23.28
N LYS C 150 37.64 10.79 23.45
CA LYS C 150 37.37 11.75 24.51
C LYS C 150 37.28 11.30 25.98
N LEU C 151 36.62 10.18 26.23
CA LEU C 151 36.35 9.74 27.60
C LEU C 151 37.11 8.49 28.00
N GLY C 152 37.83 7.90 27.06
CA GLY C 152 38.63 6.73 27.38
C GLY C 152 37.85 5.62 28.03
N VAL C 153 36.65 5.36 27.56
CA VAL C 153 35.85 4.28 28.12
C VAL C 153 35.28 3.42 27.02
N SER C 154 34.98 2.17 27.32
CA SER C 154 34.39 1.30 26.34
C SER C 154 32.96 1.73 26.11
N MET C 155 32.41 1.33 24.99
CA MET C 155 30.99 1.52 24.74
C MET C 155 30.17 0.71 25.73
N GLU C 156 30.73 -0.38 26.22
CA GLU C 156 30.05 -1.20 27.23
C GLU C 156 29.82 -0.49 28.55
N LEU C 157 30.80 0.28 29.01
CA LEU C 157 30.76 0.80 30.38
C LEU C 157 29.70 1.85 30.73
N VAL C 158 29.48 2.83 29.87
CA VAL C 158 28.45 3.84 30.08
C VAL C 158 27.07 3.24 30.29
N GLU C 159 26.61 3.27 31.53
CA GLU C 159 25.25 2.90 31.86
C GLU C 159 24.27 3.89 31.23
N LYS C 160 24.56 5.16 31.36
CA LYS C 160 23.73 6.15 30.71
C LYS C 160 24.53 7.33 30.20
N MET C 161 24.12 7.88 29.08
CA MET C 161 24.79 9.05 28.53
C MET C 161 23.76 10.12 28.34
N ASP C 162 24.05 11.33 28.77
CA ASP C 162 23.13 12.43 28.64
C ASP C 162 23.94 13.66 28.29
N ILE C 163 23.36 14.59 27.55
CA ILE C 163 24.05 15.85 27.34
C ILE C 163 23.52 16.88 28.33
N GLY C 164 24.36 17.16 29.32
CA GLY C 164 24.04 18.11 30.36
C GLY C 164 24.18 19.47 29.73
N LYS C 165 23.61 20.49 30.35
CA LYS C 165 23.71 21.81 29.77
C LYS C 165 25.19 22.14 29.68
N GLY C 166 25.61 22.54 28.50
CA GLY C 166 26.97 23.00 28.28
C GLY C 166 27.98 21.89 28.36
N LYS C 167 27.52 20.64 28.36
CA LYS C 167 28.42 19.51 28.49
C LYS C 167 27.86 18.20 28.00
N PHE C 168 28.73 17.22 27.79
CA PHE C 168 28.31 15.86 27.50
C PHE C 168 28.72 15.01 28.67
N TRP C 169 27.78 14.24 29.18
CA TRP C 169 27.96 13.45 30.38
C TRP C 169 27.86 11.98 30.07
N VAL C 170 28.84 11.22 30.50
CA VAL C 170 28.75 9.78 30.40
C VAL C 170 28.73 9.25 31.80
N TYR C 171 27.75 8.41 32.13
CA TYR C 171 27.68 7.85 33.45
C TYR C 171 28.05 6.41 33.37
N THR C 172 29.10 6.04 34.09
CA THR C 172 29.61 4.68 34.08
C THR C 172 29.70 4.28 35.53
N GLN C 173 29.58 2.99 35.82
CA GLN C 173 29.63 2.56 37.20
C GLN C 173 30.97 3.03 37.76
N ASP C 174 30.91 3.75 38.88
CA ASP C 174 32.10 4.25 39.53
C ASP C 174 32.58 5.58 38.96
N ASP C 175 31.92 6.11 37.95
CA ASP C 175 32.34 7.40 37.41
C ASP C 175 31.31 8.18 36.59
N VAL C 176 31.51 9.49 36.49
CA VAL C 176 30.81 10.34 35.52
C VAL C 176 31.82 11.15 34.73
N LEU C 177 31.72 11.12 33.41
CA LEU C 177 32.70 11.80 32.58
C LEU C 177 32.06 12.78 31.63
N THR C 178 32.59 13.99 31.55
CA THR C 178 32.00 15.04 30.74
C THR C 178 33.01 15.72 29.82
N LEU C 179 32.59 16.05 28.61
CA LEU C 179 33.42 16.83 27.70
C LEU C 179 32.61 17.99 27.13
N PRO C 180 33.34 19.14 26.80
CA PRO C 180 32.50 20.27 26.35
C PRO C 180 31.83 20.07 24.99
N LEU C 181 30.67 20.68 24.81
CA LEU C 181 29.93 20.58 23.57
C LEU C 181 30.73 21.17 22.42
N LYS C 182 31.49 22.21 22.68
CA LYS C 182 32.28 22.84 21.64
C LYS C 182 33.21 21.78 21.09
N GLU C 183 33.56 20.80 21.92
CA GLU C 183 34.29 19.61 21.47
C GLU C 183 33.48 18.78 20.47
N THR C 184 32.18 18.74 20.69
CA THR C 184 31.22 17.97 19.91
C THR C 184 30.95 18.50 18.51
N HIS C 185 31.39 19.70 18.19
CA HIS C 185 30.80 20.45 17.09
C HIS C 185 30.81 19.87 15.68
N GLY C 186 31.89 19.21 15.27
CA GLY C 186 31.93 18.61 13.95
C GLY C 186 30.95 17.48 13.65
N TYR C 187 30.76 16.59 14.62
CA TYR C 187 30.22 15.24 14.43
C TYR C 187 28.75 15.03 14.02
N GLU C 188 27.83 15.84 14.51
CA GLU C 188 26.42 15.59 14.26
C GLU C 188 26.16 15.68 12.76
N GLN C 189 25.10 15.02 12.30
CA GLN C 189 24.87 14.82 10.87
C GLN C 189 24.68 16.11 10.09
N ALA C 190 25.02 16.07 8.81
CA ALA C 190 24.93 17.24 7.96
C ALA C 190 23.50 17.70 7.88
N GLY C 191 22.57 16.76 7.98
CA GLY C 191 21.16 17.06 7.89
C GLY C 191 20.64 17.97 8.97
N CYS C 192 21.15 17.82 10.18
CA CYS C 192 20.67 18.57 11.31
C CYS C 192 21.09 20.01 11.26
N LYS C 193 22.00 20.32 10.37
CA LYS C 193 22.56 21.66 10.32
C LYS C 193 21.41 22.60 10.11
N ILE C 194 20.43 22.15 9.36
CA ILE C 194 19.25 22.96 9.07
C ILE C 194 17.97 22.61 9.85
N CYS C 195 18.09 21.89 10.98
CA CYS C 195 16.89 21.51 11.72
C CYS C 195 16.45 22.67 12.58
N LYS C 196 15.35 23.30 12.17
CA LYS C 196 14.85 24.48 12.83
C LYS C 196 14.33 24.30 14.25
N ASP C 197 13.62 23.21 14.50
CA ASP C 197 12.82 23.10 15.72
C ASP C 197 13.50 22.39 16.88
N TYR C 198 13.97 23.17 17.86
CA TYR C 198 14.58 22.56 19.04
C TYR C 198 13.57 21.77 19.84
N VAL C 199 12.41 22.37 20.07
CA VAL C 199 11.30 21.71 20.71
C VAL C 199 10.59 20.94 19.63
N ALA C 200 9.72 20.02 19.98
CA ALA C 200 8.91 19.37 18.97
C ALA C 200 7.62 20.15 18.84
N GLU C 201 7.57 21.08 17.89
CA GLU C 201 6.36 21.87 17.67
C GLU C 201 5.17 21.04 17.19
N LEU C 202 5.43 20.13 16.28
CA LEU C 202 4.40 19.25 15.73
C LEU C 202 3.82 18.27 16.76
N ALA C 203 4.67 17.79 17.65
CA ALA C 203 4.29 16.72 18.55
C ALA C 203 3.17 17.15 19.46
N ASP C 204 2.30 16.21 19.80
CA ASP C 204 1.13 16.50 20.64
C ASP C 204 1.53 16.98 22.03
N VAL C 205 2.52 16.34 22.60
CA VAL C 205 3.06 16.75 23.88
C VAL C 205 4.54 16.69 23.66
N SER C 206 5.32 17.60 24.22
CA SER C 206 6.75 17.57 24.02
C SER C 206 7.50 17.54 25.33
N THR C 207 8.45 16.63 25.46
CA THR C 207 9.21 16.48 26.69
C THR C 207 10.68 16.74 26.47
N GLY C 208 11.29 17.53 27.34
CA GLY C 208 12.72 17.78 27.26
C GLY C 208 13.36 17.94 28.63
N SER C 209 14.64 17.61 28.73
CA SER C 209 15.38 17.86 29.96
C SER C 209 15.56 19.33 30.29
N VAL C 210 15.79 20.14 29.27
CA VAL C 210 16.18 21.52 29.45
C VAL C 210 15.12 22.35 30.14
N GLY C 211 15.54 23.24 31.03
CA GLY C 211 14.62 24.12 31.72
C GLY C 211 14.01 23.50 32.95
N SER C 212 14.47 22.30 33.29
CA SER C 212 13.99 21.65 34.50
C SER C 212 15.16 21.09 35.31
N PRO C 213 14.93 21.00 36.70
CA PRO C 213 16.13 20.55 37.44
C PRO C 213 16.46 19.11 37.14
N ASP C 214 17.66 18.67 37.47
CA ASP C 214 18.04 17.31 37.13
C ASP C 214 17.05 16.35 37.76
N GLY C 215 16.65 15.35 36.99
CA GLY C 215 15.70 14.35 37.44
C GLY C 215 14.28 14.82 37.25
N TRP C 216 14.12 16.03 36.74
CA TRP C 216 12.81 16.59 36.47
C TRP C 216 12.74 16.89 35.00
N SER C 217 11.64 16.51 34.37
CA SER C 217 11.52 16.67 32.94
C SER C 217 10.43 17.69 32.66
N THR C 218 10.66 18.60 31.72
CA THR C 218 9.65 19.61 31.44
C THR C 218 8.80 19.19 30.26
N VAL C 219 7.51 18.99 30.47
CA VAL C 219 6.66 18.54 29.39
C VAL C 219 5.72 19.65 28.96
N ILE C 220 5.77 20.00 27.66
CA ILE C 220 4.98 21.08 27.09
C ILE C 220 3.94 20.46 26.18
N THR C 221 2.66 20.79 26.38
CA THR C 221 1.61 20.12 25.64
C THR C 221 1.17 20.92 24.43
N ARG C 222 1.66 20.55 23.26
CA ARG C 222 1.32 21.29 22.05
C ARG C 222 -0.15 21.24 21.64
N THR C 223 -0.78 20.08 21.74
CA THR C 223 -2.10 19.91 21.16
C THR C 223 -3.07 19.37 22.19
N ASP C 224 -4.35 19.55 21.90
CA ASP C 224 -5.41 19.19 22.81
C ASP C 224 -5.53 17.72 23.16
N ALA C 225 -5.35 16.82 22.19
CA ALA C 225 -5.43 15.39 22.51
C ALA C 225 -4.33 14.97 23.48
N GLY C 226 -3.14 15.48 23.21
CA GLY C 226 -2.01 15.21 24.07
C GLY C 226 -2.27 15.79 25.43
N ASP C 227 -2.85 16.98 25.43
CA ASP C 227 -3.13 17.68 26.67
C ASP C 227 -4.09 16.83 27.49
N SER C 228 -5.08 16.26 26.83
CA SER C 228 -6.09 15.47 27.49
C SER C 228 -5.46 14.28 28.13
N ILE C 229 -4.59 13.59 27.39
CA ILE C 229 -3.95 12.42 27.92
C ILE C 229 -3.12 12.79 29.13
N PHE C 230 -2.48 13.95 29.08
CA PHE C 230 -1.68 14.44 30.18
C PHE C 230 -2.49 14.80 31.41
N LYS C 231 -3.63 15.46 31.18
CA LYS C 231 -4.51 15.88 32.25
C LYS C 231 -4.99 14.63 32.95
N GLN C 232 -5.29 13.61 32.17
CA GLN C 232 -5.75 12.35 32.72
C GLN C 232 -4.68 11.69 33.57
N ALA C 233 -3.45 11.73 33.10
CA ALA C 233 -2.35 11.13 33.83
C ALA C 233 -2.07 11.86 35.14
N VAL C 234 -2.10 13.18 35.11
CA VAL C 234 -1.85 13.96 36.31
C VAL C 234 -2.94 13.70 37.35
N GLU C 235 -4.16 13.53 36.86
CA GLU C 235 -5.29 13.12 37.70
C GLU C 235 -4.97 11.75 38.24
N ALA C 236 -4.33 10.94 37.41
CA ALA C 236 -3.90 9.62 37.81
C ALA C 236 -2.92 9.79 38.95
N GLY C 237 -2.12 10.85 38.89
CA GLY C 237 -1.14 11.09 39.92
C GLY C 237 0.18 10.41 39.64
N LEU C 238 0.32 9.90 38.43
CA LEU C 238 1.58 9.32 38.01
C LEU C 238 2.66 10.39 38.04
N PHE C 239 2.29 11.58 37.60
CA PHE C 239 3.24 12.68 37.46
C PHE C 239 3.04 13.78 38.48
N GLU C 240 4.13 14.26 39.06
CA GLU C 240 4.04 15.40 39.94
C GLU C 240 4.41 16.61 39.11
N THR C 241 3.49 17.54 38.99
CA THR C 241 3.65 18.64 38.06
C THR C 241 3.79 19.97 38.77
N LYS C 242 4.80 20.77 38.45
CA LYS C 242 4.88 22.11 39.03
C LYS C 242 5.03 23.14 37.92
N PRO C 243 4.24 24.21 37.94
CA PRO C 243 4.23 25.08 36.74
C PRO C 243 5.64 25.51 36.41
N ILE C 244 5.94 25.58 35.12
CA ILE C 244 7.31 25.77 34.67
C ILE C 244 7.97 27.06 35.11
N GLU C 245 7.23 28.16 35.07
CA GLU C 245 7.84 29.46 35.27
C GLU C 245 8.46 29.55 36.63
N GLU C 246 7.80 28.96 37.61
CA GLU C 246 8.23 29.07 39.00
C GLU C 246 9.62 28.48 39.25
N VAL C 247 9.93 27.35 38.63
CA VAL C 247 11.17 26.65 38.94
C VAL C 247 12.31 26.99 37.98
N LYS C 248 13.42 27.43 38.55
CA LYS C 248 14.65 27.63 37.81
C LYS C 248 15.20 26.26 37.41
N PRO C 249 15.91 26.08 36.20
CA PRO C 249 16.11 27.30 35.40
C PRO C 249 14.83 27.79 34.73
N GLY C 250 14.77 29.09 34.48
CA GLY C 250 13.63 29.68 33.81
C GLY C 250 13.40 29.10 32.43
N LEU C 251 12.13 28.87 32.10
CA LEU C 251 11.77 28.33 30.81
C LEU C 251 12.16 29.36 29.75
N GLY C 252 12.42 30.59 30.18
CA GLY C 252 12.95 31.60 29.30
C GLY C 252 14.27 31.12 28.76
N LEU C 253 15.06 30.42 29.58
CA LEU C 253 16.32 29.86 29.11
C LEU C 253 16.10 28.84 27.99
N LEU C 254 15.08 28.00 28.17
CA LEU C 254 14.74 26.99 27.18
C LEU C 254 14.33 27.71 25.91
N GLU C 255 13.62 28.80 26.08
CA GLU C 255 13.15 29.61 24.98
C GLU C 255 14.33 30.17 24.21
N LYS C 256 15.33 30.62 24.95
CA LYS C 256 16.55 31.16 24.38
C LYS C 256 17.26 30.10 23.58
N LEU C 257 17.30 28.88 24.12
CA LEU C 257 17.95 27.78 23.44
C LEU C 257 17.21 27.48 22.15
N ALA C 258 15.89 27.51 22.20
CA ALA C 258 15.09 27.26 21.02
C ALA C 258 15.35 28.31 19.96
N ALA C 259 15.48 29.56 20.38
CA ALA C 259 15.76 30.67 19.49
C ALA C 259 17.11 30.50 18.82
N GLN C 260 18.08 30.03 19.59
CA GLN C 260 19.44 29.91 19.09
C GLN C 260 19.47 28.96 17.93
N LYS C 261 18.71 27.89 18.06
CA LYS C 261 18.58 26.87 17.04
C LYS C 261 18.03 27.50 15.77
N LYS C 262 17.02 28.34 15.90
CA LYS C 262 16.47 28.95 14.71
C LYS C 262 17.49 29.84 14.01
N GLU C 263 18.29 30.57 14.78
CA GLU C 263 19.30 31.43 14.17
C GLU C 263 20.29 30.56 13.39
N LYS C 264 20.65 29.42 13.95
CA LYS C 264 21.57 28.50 13.28
C LYS C 264 21.01 27.92 11.99
N ALA C 265 19.73 27.59 11.98
CA ALA C 265 19.11 26.97 10.82
C ALA C 265 19.13 27.84 9.56
N GLU C 266 18.97 29.13 9.80
CA GLU C 266 18.35 30.18 8.97
C GLU C 266 19.48 30.64 8.05
N LYS C 267 20.60 30.96 8.68
CA LYS C 267 21.80 31.27 7.93
C LYS C 267 22.24 30.03 7.15
N ASN C 268 22.17 28.85 7.77
CA ASN C 268 22.64 27.69 7.01
C ASN C 268 21.90 27.58 5.67
N ILE C 269 20.61 27.84 5.73
CA ILE C 269 19.70 27.82 4.59
C ILE C 269 20.05 28.91 3.61
N ALA C 270 20.44 30.07 4.12
CA ALA C 270 20.86 31.15 3.24
C ALA C 270 22.08 30.68 2.48
N ALA C 271 23.02 30.06 3.19
CA ALA C 271 24.22 29.53 2.55
C ALA C 271 23.87 28.42 1.56
N ARG C 272 23.00 27.50 1.95
CA ARG C 272 22.56 26.48 1.01
C ARG C 272 21.79 27.08 -0.14
N LYS C 273 20.96 28.08 0.14
CA LYS C 273 20.20 28.76 -0.89
C LYS C 273 21.13 29.55 -1.80
N GLU C 274 22.13 30.19 -1.23
CA GLU C 274 23.05 30.94 -2.06
C GLU C 274 23.73 29.96 -3.00
N MET C 275 24.10 28.80 -2.46
CA MET C 275 24.69 27.74 -3.24
C MET C 275 23.63 27.03 -4.07
N GLY C 276 24.07 26.27 -5.07
CA GLY C 276 23.16 25.61 -5.97
C GLY C 276 22.23 24.61 -5.33
N LEU C 277 22.74 23.82 -4.38
CA LEU C 277 22.09 22.56 -3.96
C LEU C 277 20.71 22.71 -3.34
N PRO C 278 19.78 21.81 -3.70
CA PRO C 278 18.37 22.08 -3.38
C PRO C 278 18.17 22.18 -1.90
N THR C 279 17.16 22.92 -1.47
CA THR C 279 16.81 22.97 -0.08
C THR C 279 15.31 22.84 0.12
N PRO C 280 14.90 21.97 1.13
CA PRO C 280 13.50 22.15 1.52
C PRO C 280 13.46 23.36 2.45
N PHE C 281 12.26 23.82 2.82
CA PHE C 281 12.12 24.90 3.80
C PHE C 281 12.24 26.26 3.10
#